data_1XFC
#
_entry.id   1XFC
#
_cell.length_a   164.780
_cell.length_b   164.780
_cell.length_c   57.880
_cell.angle_alpha   90.00
_cell.angle_beta   90.00
_cell.angle_gamma   90.00
#
_symmetry.space_group_name_H-M   'P 41 21 2'
#
loop_
_entity.id
_entity.type
_entity.pdbx_description
1 polymer 'Alanine racemase'
2 non-polymer "PYRIDOXAL-5'-PHOSPHATE"
3 water water
#
_entity_poly.entity_id   1
_entity_poly.type   'polypeptide(L)'
_entity_poly.pdbx_seq_one_letter_code
;MTPISQTPGLLAEAMVDLGAIEHNVRVLREHAGHAQLMAVVKADGYGHGATRVAQTALGAGAAELGVATVDEALALRADG
ITAPVLAWLHPPGIDFGPALLADVQVAVSSLRQLDELLHAVRRTGRTATVTVKVDTGLNRNGVGPAQFPAMLTALRQAMA
EDAVRLRGLMSHMVYADKPDDSINDVQAQRFTAFLAQAREQGVRFEVAHLSNSSATMARPDLTFDLVRPGIAVYGLSPVP
ALGDMGLVPAMTVKCAVALVKSIRAGEGVSYGHTWIAPRDTNLALLPIGYADGVFRSLGGRLEVLINGRRCPGVGRICMD
QFMVDLGPGPLDVAEGDEAILFGPGIRGEPTAQDWADLVGTIHYEVVTSPRGRITRTYREAENR
;
_entity_poly.pdbx_strand_id   A,B
#
# COMPACT_ATOMS: atom_id res chain seq x y z
N LEU A 11 0.03 -14.54 -9.88
CA LEU A 11 -0.56 -13.30 -10.34
C LEU A 11 0.51 -12.22 -10.49
N ALA A 12 1.07 -11.86 -9.34
CA ALA A 12 2.11 -10.87 -9.26
C ALA A 12 3.04 -11.23 -8.10
N GLU A 13 4.28 -10.78 -8.19
CA GLU A 13 5.10 -11.04 -7.00
C GLU A 13 6.16 -9.95 -6.83
N ALA A 14 6.48 -9.78 -5.55
CA ALA A 14 7.62 -9.00 -5.10
C ALA A 14 8.67 -10.04 -4.69
N MET A 15 9.53 -10.42 -5.63
CA MET A 15 10.52 -11.45 -5.39
C MET A 15 11.75 -10.86 -4.70
N VAL A 16 12.03 -11.40 -3.53
CA VAL A 16 13.18 -10.91 -2.76
C VAL A 16 14.31 -11.91 -2.93
N ASP A 17 15.43 -11.42 -3.45
CA ASP A 17 16.56 -12.35 -3.67
C ASP A 17 17.45 -12.37 -2.44
N LEU A 18 17.38 -13.41 -1.61
CA LEU A 18 18.21 -13.41 -0.40
C LEU A 18 19.69 -13.54 -0.70
N GLY A 19 20.01 -13.97 -1.93
CA GLY A 19 21.37 -13.89 -2.40
C GLY A 19 21.88 -12.48 -2.55
N ALA A 20 21.04 -11.51 -2.91
CA ALA A 20 21.48 -10.11 -2.98
C ALA A 20 21.60 -9.51 -1.57
N ILE A 21 20.63 -9.86 -0.72
CA ILE A 21 20.70 -9.45 0.68
C ILE A 21 22.06 -9.89 1.22
N GLU A 22 22.39 -11.16 0.99
CA GLU A 22 23.65 -11.67 1.51
C GLU A 22 24.81 -10.82 0.98
N HIS A 23 24.78 -10.53 -0.31
CA HIS A 23 25.80 -9.72 -0.95
C HIS A 23 25.91 -8.33 -0.32
N ASN A 24 24.74 -7.70 -0.17
CA ASN A 24 24.69 -6.34 0.38
C ASN A 24 25.24 -6.32 1.80
N VAL A 25 24.88 -7.31 2.60
CA VAL A 25 25.44 -7.25 3.97
C VAL A 25 26.95 -7.43 3.93
N ARG A 26 27.42 -8.31 3.04
CA ARG A 26 28.88 -8.47 2.99
C ARG A 26 29.57 -7.17 2.62
N VAL A 27 29.02 -6.42 1.67
CA VAL A 27 29.65 -5.15 1.30
C VAL A 27 29.63 -4.13 2.42
N LEU A 28 28.50 -4.08 3.12
CA LEU A 28 28.41 -3.16 4.26
C LEU A 28 29.41 -3.53 5.33
N ARG A 29 29.56 -4.84 5.55
CA ARG A 29 30.53 -5.26 6.57
C ARG A 29 31.93 -4.77 6.21
N GLU A 30 32.29 -4.89 4.93
CA GLU A 30 33.61 -4.40 4.51
C GLU A 30 33.72 -2.90 4.74
N HIS A 31 32.70 -2.12 4.37
CA HIS A 31 32.78 -0.69 4.62
C HIS A 31 32.78 -0.35 6.10
N ALA A 32 32.14 -1.16 6.94
CA ALA A 32 32.05 -0.76 8.35
C ALA A 32 33.36 -1.10 9.07
N GLY A 33 34.25 -1.80 8.38
CA GLY A 33 35.56 -2.15 8.90
C GLY A 33 35.50 -2.97 10.17
N HIS A 34 35.85 -2.34 11.29
CA HIS A 34 35.93 -2.99 12.58
C HIS A 34 34.59 -3.00 13.30
N ALA A 35 33.70 -2.10 12.92
CA ALA A 35 32.40 -1.97 13.58
C ALA A 35 31.46 -3.14 13.28
N GLN A 36 30.65 -3.51 14.28
CA GLN A 36 29.68 -4.57 13.99
C GLN A 36 28.49 -3.93 13.26
N LEU A 37 27.68 -4.79 12.66
CA LEU A 37 26.55 -4.32 11.88
C LEU A 37 25.19 -4.56 12.53
N MET A 38 24.44 -3.48 12.74
CA MET A 38 23.05 -3.62 13.14
C MET A 38 22.18 -3.49 11.90
N ALA A 39 21.62 -4.58 11.41
CA ALA A 39 20.78 -4.47 10.21
C ALA A 39 19.42 -3.92 10.56
N VAL A 40 18.94 -2.88 9.87
CA VAL A 40 17.64 -2.29 10.22
C VAL A 40 16.52 -2.90 9.39
N VAL A 41 15.54 -3.51 10.07
CA VAL A 41 14.48 -4.29 9.41
C VAL A 41 13.12 -3.78 9.81
N LYS A 42 13.07 -2.50 10.24
CA LYS A 42 11.77 -1.89 10.50
C LYS A 42 10.89 -1.89 9.26
N ALA A 43 9.62 -1.53 9.43
CA ALA A 43 8.60 -1.51 8.39
C ALA A 43 8.61 -2.79 7.56
N ASP A 44 8.49 -3.92 8.23
CA ASP A 44 8.56 -5.27 7.70
C ASP A 44 9.73 -5.46 6.74
N GLY A 45 10.93 -5.08 7.20
CA GLY A 45 12.10 -5.21 6.34
C GLY A 45 12.01 -4.27 5.14
N TYR A 46 11.54 -3.04 5.35
CA TYR A 46 11.42 -2.09 4.24
C TYR A 46 10.60 -2.72 3.11
N GLY A 47 9.57 -3.48 3.47
CA GLY A 47 8.75 -4.18 2.51
C GLY A 47 9.30 -5.50 2.02
N HIS A 48 10.49 -5.91 2.42
CA HIS A 48 11.08 -7.16 1.97
C HIS A 48 10.86 -8.34 2.89
N GLY A 49 10.17 -8.20 4.02
CA GLY A 49 9.98 -9.26 4.99
C GLY A 49 11.02 -9.16 6.10
N ALA A 50 10.64 -8.68 7.29
CA ALA A 50 11.62 -8.51 8.36
C ALA A 50 12.28 -9.81 8.79
N THR A 51 11.50 -10.84 9.09
CA THR A 51 12.03 -12.12 9.54
C THR A 51 12.96 -12.77 8.53
N ARG A 52 12.54 -12.90 7.27
CA ARG A 52 13.44 -13.52 6.30
C ARG A 52 14.71 -12.71 6.07
N VAL A 53 14.57 -11.39 5.89
CA VAL A 53 15.79 -10.59 5.74
C VAL A 53 16.63 -10.63 7.00
N ALA A 54 16.01 -10.66 8.18
CA ALA A 54 16.82 -10.75 9.39
C ALA A 54 17.61 -12.04 9.41
N GLN A 55 16.97 -13.17 9.07
CA GLN A 55 17.65 -14.45 9.13
C GLN A 55 18.87 -14.46 8.22
N THR A 56 18.63 -14.00 7.00
CA THR A 56 19.69 -13.89 5.99
C THR A 56 20.80 -12.93 6.36
N ALA A 57 20.45 -11.75 6.87
CA ALA A 57 21.49 -10.79 7.27
C ALA A 57 22.33 -11.33 8.42
N LEU A 58 21.65 -12.00 9.36
CA LEU A 58 22.40 -12.59 10.48
C LEU A 58 23.28 -13.71 9.97
N GLY A 59 22.71 -14.58 9.13
CA GLY A 59 23.47 -15.66 8.52
C GLY A 59 24.66 -15.18 7.72
N ALA A 60 24.64 -13.93 7.25
CA ALA A 60 25.77 -13.40 6.50
C ALA A 60 26.64 -12.51 7.39
N GLY A 61 26.45 -12.58 8.70
CA GLY A 61 27.35 -11.95 9.62
C GLY A 61 26.91 -10.71 10.34
N ALA A 62 25.72 -10.16 10.09
CA ALA A 62 25.30 -8.99 10.87
C ALA A 62 25.31 -9.38 12.35
N ALA A 63 25.54 -8.46 13.28
CA ALA A 63 25.57 -8.94 14.67
C ALA A 63 24.24 -8.72 15.37
N GLU A 64 23.54 -7.65 15.02
CA GLU A 64 22.34 -7.29 15.75
C GLU A 64 21.26 -6.86 14.75
N LEU A 65 20.05 -6.70 15.22
CA LEU A 65 18.93 -6.18 14.45
C LEU A 65 18.37 -4.90 15.06
N GLY A 66 17.96 -3.99 14.20
CA GLY A 66 17.33 -2.76 14.67
C GLY A 66 15.94 -2.60 14.07
N VAL A 67 15.00 -2.14 14.89
CA VAL A 67 13.65 -1.86 14.41
C VAL A 67 13.11 -0.63 15.12
N ALA A 68 11.99 -0.09 14.63
CA ALA A 68 11.42 1.08 15.30
C ALA A 68 10.65 0.67 16.55
N THR A 69 9.68 -0.23 16.37
CA THR A 69 8.80 -0.47 17.50
C THR A 69 9.04 -1.77 18.23
N VAL A 70 8.61 -1.78 19.50
CA VAL A 70 8.69 -3.01 20.27
C VAL A 70 7.82 -4.05 19.59
N ASP A 71 6.70 -3.66 18.99
CA ASP A 71 5.86 -4.63 18.28
C ASP A 71 6.67 -5.35 17.20
N GLU A 72 7.43 -4.56 16.43
CA GLU A 72 8.26 -5.16 15.39
C GLU A 72 9.22 -6.16 16.01
N ALA A 73 9.71 -5.83 17.20
CA ALA A 73 10.73 -6.67 17.84
C ALA A 73 10.13 -8.00 18.26
N LEU A 74 8.95 -7.95 18.86
CA LEU A 74 8.32 -9.19 19.31
C LEU A 74 7.94 -10.10 18.14
N ALA A 75 7.62 -9.53 16.97
CA ALA A 75 7.23 -10.41 15.86
C ALA A 75 8.45 -11.19 15.37
N LEU A 76 9.59 -10.51 15.36
CA LEU A 76 10.85 -11.24 15.14
C LEU A 76 11.01 -12.34 16.17
N ARG A 77 10.75 -12.07 17.46
CA ARG A 77 10.96 -13.14 18.44
C ARG A 77 9.96 -14.27 18.25
N ALA A 78 8.71 -13.97 17.95
CA ALA A 78 7.71 -15.03 17.78
C ALA A 78 8.04 -15.92 16.59
N ASP A 79 8.87 -15.38 15.69
CA ASP A 79 9.32 -16.09 14.50
C ASP A 79 10.62 -16.83 14.77
N GLY A 80 10.96 -16.95 16.05
CA GLY A 80 12.16 -17.68 16.41
C GLY A 80 13.45 -16.90 16.32
N ILE A 81 13.49 -15.60 16.05
CA ILE A 81 14.77 -14.89 16.04
C ILE A 81 15.35 -14.78 17.44
N THR A 82 16.63 -15.08 17.65
CA THR A 82 17.18 -15.04 19.00
C THR A 82 18.29 -14.01 19.11
N ALA A 83 18.78 -13.49 17.98
CA ALA A 83 19.84 -12.48 18.05
C ALA A 83 19.38 -11.20 18.72
N PRO A 84 20.29 -10.30 19.09
CA PRO A 84 19.90 -9.03 19.72
C PRO A 84 19.07 -8.14 18.78
N VAL A 85 18.07 -7.52 19.37
CA VAL A 85 17.13 -6.62 18.73
C VAL A 85 16.95 -5.32 19.51
N LEU A 86 17.14 -4.19 18.85
CA LEU A 86 16.92 -2.90 19.52
C LEU A 86 15.71 -2.17 18.96
N ALA A 87 14.86 -1.52 19.76
CA ALA A 87 13.71 -0.75 19.30
C ALA A 87 13.77 0.67 19.86
N TRP A 88 13.42 1.67 19.05
CA TRP A 88 13.71 3.05 19.40
C TRP A 88 12.57 4.04 19.24
N LEU A 89 11.38 3.61 18.84
CA LEU A 89 10.25 4.50 18.66
C LEU A 89 9.04 3.97 19.43
N HIS A 90 8.69 4.61 20.54
CA HIS A 90 7.71 4.06 21.46
C HIS A 90 6.54 5.01 21.75
N PRO A 91 5.33 4.49 21.77
CA PRO A 91 4.17 5.29 22.19
C PRO A 91 4.28 5.78 23.64
N PRO A 92 3.70 6.93 23.90
CA PRO A 92 3.67 7.43 25.30
C PRO A 92 2.84 6.48 26.15
N GLY A 93 3.26 6.18 27.37
CA GLY A 93 2.48 5.28 28.19
C GLY A 93 2.75 3.81 27.92
N ILE A 94 3.63 3.46 26.97
CA ILE A 94 3.89 2.06 26.68
C ILE A 94 4.25 1.27 27.93
N ASP A 95 3.73 0.05 28.04
CA ASP A 95 4.23 -0.87 29.07
C ASP A 95 5.43 -1.62 28.45
N PHE A 96 6.60 -1.37 29.02
CA PHE A 96 7.82 -1.97 28.48
C PHE A 96 8.01 -3.41 28.95
N GLY A 97 7.07 -3.95 29.72
CA GLY A 97 7.23 -5.28 30.28
C GLY A 97 7.49 -6.39 29.28
N PRO A 98 6.58 -6.55 28.33
CA PRO A 98 6.75 -7.59 27.29
C PRO A 98 8.09 -7.43 26.59
N ALA A 99 8.56 -6.19 26.39
CA ALA A 99 9.90 -6.08 25.78
C ALA A 99 10.96 -6.68 26.67
N LEU A 100 10.90 -6.35 27.96
CA LEU A 100 11.99 -6.80 28.85
C LEU A 100 12.00 -8.32 28.91
N LEU A 101 10.77 -8.86 28.98
CA LEU A 101 10.60 -10.30 29.09
C LEU A 101 11.08 -11.03 27.85
N ALA A 102 10.90 -10.42 26.68
CA ALA A 102 11.33 -11.07 25.45
C ALA A 102 12.74 -10.65 25.07
N ASP A 103 13.48 -10.09 26.02
CA ASP A 103 14.87 -9.67 25.80
C ASP A 103 15.01 -8.69 24.62
N VAL A 104 14.09 -7.73 24.54
CA VAL A 104 14.26 -6.68 23.53
C VAL A 104 14.96 -5.48 24.13
N GLN A 105 16.03 -5.00 23.50
CA GLN A 105 16.68 -3.77 23.94
C GLN A 105 15.80 -2.55 23.68
N VAL A 106 15.88 -1.59 24.59
CA VAL A 106 15.02 -0.43 24.46
C VAL A 106 15.85 0.84 24.35
N ALA A 107 15.60 1.65 23.32
CA ALA A 107 16.29 2.94 23.27
C ALA A 107 15.37 4.05 23.78
N VAL A 108 15.87 4.84 24.73
CA VAL A 108 15.02 5.89 25.29
C VAL A 108 15.45 7.26 24.80
N SER A 109 14.45 8.11 24.57
CA SER A 109 14.78 9.41 24.00
C SER A 109 14.25 10.56 24.84
N SER A 110 13.84 10.28 26.08
CA SER A 110 13.44 11.33 27.01
C SER A 110 13.52 10.84 28.44
N LEU A 111 13.54 11.76 29.40
CA LEU A 111 13.51 11.41 30.81
C LEU A 111 12.22 10.69 31.19
N ARG A 112 11.08 11.13 30.66
CA ARG A 112 9.83 10.45 31.00
C ARG A 112 9.88 8.99 30.56
N GLN A 113 10.40 8.78 29.35
CA GLN A 113 10.48 7.42 28.81
C GLN A 113 11.40 6.58 29.67
N LEU A 114 12.46 7.18 30.21
CA LEU A 114 13.29 6.35 31.10
C LEU A 114 12.47 6.04 32.34
N ASP A 115 11.68 6.99 32.84
CA ASP A 115 10.84 6.67 34.01
C ASP A 115 9.86 5.55 33.65
N GLU A 116 9.35 5.57 32.42
CA GLU A 116 8.42 4.51 32.04
C GLU A 116 9.14 3.17 32.05
N LEU A 117 10.37 3.18 31.57
CA LEU A 117 11.13 1.93 31.48
C LEU A 117 11.52 1.42 32.86
N LEU A 118 11.90 2.32 33.76
CA LEU A 118 12.34 1.89 35.09
C LEU A 118 11.14 1.34 35.86
N HIS A 119 9.97 1.93 35.59
CA HIS A 119 8.76 1.38 36.19
C HIS A 119 8.59 -0.06 35.72
N ALA A 120 8.78 -0.35 34.42
CA ALA A 120 8.57 -1.74 34.01
C ALA A 120 9.66 -2.63 34.57
N VAL A 121 10.86 -2.08 34.77
CA VAL A 121 11.90 -2.94 35.38
C VAL A 121 11.45 -3.36 36.78
N ARG A 122 10.68 -2.51 37.45
CA ARG A 122 10.23 -2.77 38.82
C ARG A 122 9.11 -3.80 38.85
N ARG A 123 8.19 -3.73 37.90
CA ARG A 123 7.13 -4.71 37.72
C ARG A 123 7.58 -6.09 37.30
N THR A 124 8.65 -6.18 36.50
CA THR A 124 9.01 -7.47 35.92
C THR A 124 10.19 -8.11 36.62
N GLY A 125 10.92 -7.28 37.36
CA GLY A 125 12.17 -7.72 37.95
C GLY A 125 13.18 -7.99 36.85
N ARG A 126 12.95 -7.45 35.65
CA ARG A 126 13.87 -7.70 34.55
C ARG A 126 14.77 -6.51 34.26
N THR A 127 16.07 -6.71 34.32
CA THR A 127 17.09 -5.72 34.03
C THR A 127 16.93 -5.23 32.59
N ALA A 128 16.98 -3.93 32.34
CA ALA A 128 16.80 -3.45 30.96
C ALA A 128 18.14 -3.15 30.32
N THR A 129 18.29 -3.60 29.07
CA THR A 129 19.51 -3.30 28.28
C THR A 129 19.18 -2.04 27.51
N VAL A 130 19.59 -0.91 28.06
CA VAL A 130 19.19 0.35 27.46
C VAL A 130 20.21 1.07 26.63
N THR A 131 19.61 1.78 25.68
CA THR A 131 20.36 2.67 24.81
C THR A 131 19.76 4.06 24.94
N VAL A 132 20.62 5.07 24.97
CA VAL A 132 20.06 6.43 25.00
C VAL A 132 20.14 7.04 23.60
N LYS A 133 19.03 7.54 23.08
CA LYS A 133 18.99 8.23 21.80
C LYS A 133 19.04 9.73 22.07
N VAL A 134 20.15 10.35 21.63
CA VAL A 134 20.39 11.77 21.83
C VAL A 134 20.06 12.55 20.57
N ASP A 135 19.77 13.83 20.76
CA ASP A 135 19.38 14.70 19.65
C ASP A 135 20.59 15.54 19.29
N THR A 136 21.09 15.37 18.07
CA THR A 136 22.26 16.12 17.62
C THR A 136 21.95 17.18 16.57
N GLY A 137 20.73 17.67 16.47
CA GLY A 137 20.30 18.69 15.52
C GLY A 137 19.07 18.24 14.73
N LEU A 138 18.85 16.95 14.83
CA LEU A 138 17.77 16.14 14.30
C LEU A 138 16.43 16.78 14.60
N ASN A 139 16.20 16.99 15.89
CA ASN A 139 15.18 17.68 16.62
C ASN A 139 13.77 17.12 16.43
N ARG A 140 13.68 15.87 15.99
CA ARG A 140 12.34 15.25 16.00
C ARG A 140 12.12 14.78 17.44
N ASN A 141 12.92 13.79 17.82
CA ASN A 141 13.01 13.32 19.20
C ASN A 141 14.48 13.00 19.51
N GLY A 142 14.74 12.58 20.73
CA GLY A 142 16.04 12.32 21.32
C GLY A 142 16.31 13.25 22.49
N VAL A 143 17.07 12.81 23.47
CA VAL A 143 17.48 13.62 24.61
C VAL A 143 18.32 14.81 24.18
N GLY A 144 18.03 16.01 24.68
CA GLY A 144 18.76 17.23 24.40
C GLY A 144 19.97 17.45 25.29
N PRO A 145 20.96 18.24 24.89
CA PRO A 145 22.10 18.53 25.79
C PRO A 145 21.64 19.02 27.16
N ALA A 146 20.55 19.79 27.19
CA ALA A 146 20.10 20.32 28.48
C ALA A 146 19.63 19.24 29.42
N GLN A 147 19.03 18.19 28.84
CA GLN A 147 18.41 17.12 29.61
C GLN A 147 19.39 16.01 29.93
N PHE A 148 20.47 15.98 29.17
CA PHE A 148 21.42 14.87 29.28
C PHE A 148 22.08 14.73 30.64
N PRO A 149 22.53 15.78 31.31
CA PRO A 149 23.04 15.63 32.69
C PRO A 149 22.08 14.93 33.65
N ALA A 150 20.80 15.32 33.66
CA ALA A 150 19.83 14.65 34.53
C ALA A 150 19.71 13.19 34.10
N MET A 151 19.79 12.98 32.78
CA MET A 151 19.58 11.59 32.35
C MET A 151 20.71 10.71 32.85
N LEU A 152 21.93 11.24 32.76
CA LEU A 152 23.11 10.52 33.20
C LEU A 152 23.06 10.17 34.69
N THR A 153 22.57 11.11 35.49
CA THR A 153 22.45 10.88 36.94
C THR A 153 21.49 9.76 37.23
N ALA A 154 20.32 9.78 36.60
CA ALA A 154 19.40 8.65 36.75
C ALA A 154 20.00 7.33 36.31
N LEU A 155 20.76 7.31 35.21
CA LEU A 155 21.25 6.02 34.72
C LEU A 155 22.30 5.42 35.64
N ARG A 156 23.17 6.30 36.12
CA ARG A 156 24.15 5.90 37.11
C ARG A 156 23.45 5.26 38.30
N GLN A 157 22.37 5.87 38.80
CA GLN A 157 21.71 5.28 39.97
C GLN A 157 21.04 3.96 39.60
N ALA A 158 20.41 3.92 38.43
CA ALA A 158 19.77 2.71 37.93
C ALA A 158 20.77 1.59 37.74
N MET A 159 21.92 1.94 37.18
CA MET A 159 22.95 0.94 36.93
C MET A 159 23.48 0.35 38.24
N ALA A 160 23.77 1.23 39.20
CA ALA A 160 24.28 0.81 40.50
C ALA A 160 23.42 -0.28 41.12
N GLU A 161 22.11 -0.30 40.88
CA GLU A 161 21.34 -1.40 41.47
C GLU A 161 20.97 -2.43 40.42
N ASP A 162 21.65 -2.37 39.28
CA ASP A 162 21.44 -3.34 38.21
C ASP A 162 20.02 -3.33 37.66
N ALA A 163 19.39 -2.15 37.70
CA ALA A 163 18.09 -2.04 37.04
C ALA A 163 18.26 -1.91 35.53
N VAL A 164 19.36 -1.33 35.10
CA VAL A 164 19.66 -1.23 33.68
C VAL A 164 21.08 -1.66 33.39
N ARG A 165 21.27 -2.12 32.15
CA ARG A 165 22.59 -2.38 31.60
C ARG A 165 22.86 -1.26 30.60
N LEU A 166 23.97 -0.54 30.72
CA LEU A 166 24.18 0.63 29.87
C LEU A 166 24.79 0.23 28.54
N ARG A 167 23.94 -0.27 27.64
CA ARG A 167 24.50 -0.79 26.39
C ARG A 167 24.93 0.30 25.44
N GLY A 168 24.09 1.28 25.09
CA GLY A 168 24.46 2.16 23.99
C GLY A 168 24.10 3.61 24.04
N LEU A 169 24.89 4.41 23.32
CA LEU A 169 24.50 5.76 22.96
C LEU A 169 24.26 5.87 21.45
N MET A 170 23.20 6.55 21.00
CA MET A 170 22.96 6.56 19.56
C MET A 170 22.38 7.90 19.17
N SER A 171 22.57 8.26 17.89
CA SER A 171 21.89 9.43 17.35
C SER A 171 21.69 9.14 15.86
N HIS A 172 20.96 9.97 15.14
CA HIS A 172 20.62 9.68 13.75
C HIS A 172 20.83 10.90 12.86
N MET A 173 21.56 10.74 11.77
CA MET A 173 21.99 11.79 10.85
C MET A 173 20.85 12.71 10.41
N PRO A 179 26.11 13.91 2.33
CA PRO A 179 27.12 13.05 2.96
C PRO A 179 28.35 13.85 3.36
N ASP A 180 28.81 14.66 2.42
CA ASP A 180 29.98 15.50 2.73
C ASP A 180 29.53 16.88 3.20
N ASP A 181 28.23 17.10 3.19
CA ASP A 181 27.68 18.33 3.74
C ASP A 181 28.19 18.53 5.17
N SER A 182 28.53 19.77 5.49
CA SER A 182 29.09 20.11 6.79
C SER A 182 28.21 19.57 7.92
N ILE A 183 26.89 19.64 7.70
CA ILE A 183 25.89 19.23 8.67
C ILE A 183 26.14 17.84 9.22
N ASN A 184 26.86 16.97 8.53
CA ASN A 184 27.25 15.69 9.12
C ASN A 184 28.35 15.86 10.15
N ASP A 185 29.36 16.62 9.76
CA ASP A 185 30.50 16.90 10.63
C ASP A 185 30.06 17.52 11.95
N VAL A 186 29.13 18.48 11.89
CA VAL A 186 28.64 19.08 13.11
C VAL A 186 27.87 18.06 13.95
N GLN A 187 26.93 17.38 13.33
CA GLN A 187 26.16 16.36 14.03
C GLN A 187 27.11 15.38 14.70
N ALA A 188 28.17 15.02 13.99
CA ALA A 188 29.15 14.07 14.55
C ALA A 188 29.84 14.65 15.78
N GLN A 189 30.24 15.91 15.68
CA GLN A 189 30.89 16.62 16.78
C GLN A 189 29.99 16.64 18.01
N ARG A 190 28.79 17.18 17.81
CA ARG A 190 27.76 17.20 18.84
C ARG A 190 27.59 15.81 19.43
N PHE A 191 27.64 14.77 18.61
CA PHE A 191 27.52 13.41 19.12
C PHE A 191 28.70 13.09 20.05
N THR A 192 29.85 13.58 19.60
CA THR A 192 31.09 13.43 20.35
C THR A 192 31.01 14.10 21.72
N ALA A 193 30.41 15.27 21.77
CA ALA A 193 30.24 15.99 23.03
C ALA A 193 29.38 15.20 24.01
N PHE A 194 28.34 14.54 23.49
CA PHE A 194 27.53 13.70 24.38
C PHE A 194 28.36 12.59 25.00
N LEU A 195 29.18 11.93 24.17
CA LEU A 195 30.04 10.86 24.68
C LEU A 195 30.97 11.43 25.75
N ALA A 196 31.47 12.65 25.51
CA ALA A 196 32.42 13.21 26.47
C ALA A 196 31.75 13.59 27.79
N GLN A 197 30.59 14.22 27.71
CA GLN A 197 29.84 14.54 28.94
C GLN A 197 29.64 13.26 29.74
N ALA A 198 29.24 12.20 29.04
CA ALA A 198 28.99 10.95 29.75
C ALA A 198 30.29 10.50 30.41
N ARG A 199 31.34 10.52 29.60
CA ARG A 199 32.69 10.18 30.02
C ARG A 199 33.05 11.01 31.24
N GLU A 200 32.93 12.32 31.07
CA GLU A 200 33.25 13.22 32.19
C GLU A 200 32.39 12.95 33.40
N GLN A 201 31.16 12.47 33.30
CA GLN A 201 30.42 12.23 34.54
C GLN A 201 30.52 10.80 35.04
N GLY A 202 31.42 10.00 34.48
CA GLY A 202 31.67 8.63 34.89
C GLY A 202 30.58 7.63 34.57
N VAL A 203 29.87 7.84 33.46
CA VAL A 203 28.87 6.92 32.95
C VAL A 203 29.40 6.29 31.67
N ARG A 204 29.53 4.98 31.63
CA ARG A 204 30.17 4.34 30.49
C ARG A 204 29.18 3.47 29.72
N PHE A 205 29.08 3.73 28.42
CA PHE A 205 28.26 2.95 27.50
C PHE A 205 29.08 1.87 26.83
N GLU A 206 28.53 0.69 26.61
CA GLU A 206 29.32 -0.35 25.94
C GLU A 206 29.62 0.04 24.50
N VAL A 207 28.65 0.59 23.78
CA VAL A 207 28.90 1.01 22.40
C VAL A 207 28.23 2.33 22.04
N ALA A 208 28.78 2.95 20.99
CA ALA A 208 28.19 4.17 20.44
C ALA A 208 27.87 3.95 18.97
N HIS A 209 26.88 4.62 18.39
CA HIS A 209 26.62 4.42 16.96
C HIS A 209 25.76 5.58 16.44
N LEU A 210 26.17 6.12 15.29
CA LEU A 210 25.48 7.25 14.69
C LEU A 210 25.18 7.06 13.21
N SER A 211 25.86 6.10 12.61
CA SER A 211 25.80 5.79 11.18
C SER A 211 24.66 4.98 10.61
N ASN A 212 23.91 5.62 9.72
CA ASN A 212 22.96 4.97 8.83
C ASN A 212 23.66 4.50 7.56
N SER A 213 22.94 4.01 6.56
CA SER A 213 23.58 3.47 5.35
C SER A 213 24.52 4.47 4.67
N SER A 214 24.01 5.67 4.46
CA SER A 214 24.76 6.74 3.85
C SER A 214 26.07 7.04 4.56
N ALA A 215 26.00 7.19 5.89
CA ALA A 215 27.21 7.48 6.63
C ALA A 215 28.14 6.29 6.62
N THR A 216 27.56 5.09 6.74
CA THR A 216 28.38 3.89 6.72
C THR A 216 29.18 3.81 5.43
N MET A 217 28.55 4.19 4.31
CA MET A 217 29.24 3.91 3.06
C MET A 217 30.04 5.08 2.52
N ALA A 218 29.59 6.29 2.84
CA ALA A 218 30.23 7.49 2.31
C ALA A 218 31.05 8.22 3.35
N ARG A 219 30.80 8.02 4.64
CA ARG A 219 31.59 8.71 5.66
C ARG A 219 32.13 7.75 6.73
N PRO A 220 33.01 6.85 6.31
CA PRO A 220 33.62 5.85 7.18
C PRO A 220 34.41 6.47 8.34
N ASP A 221 34.79 7.73 8.16
CA ASP A 221 35.50 8.46 9.20
C ASP A 221 34.59 8.78 10.39
N LEU A 222 33.28 8.67 10.21
CA LEU A 222 32.32 8.99 11.27
C LEU A 222 31.74 7.73 11.90
N THR A 223 32.33 6.57 11.62
CA THR A 223 31.80 5.31 12.18
C THR A 223 32.30 5.10 13.60
N PHE A 224 31.43 4.73 14.54
CA PHE A 224 31.85 4.46 15.91
C PHE A 224 31.97 2.97 16.11
N ASP A 225 31.27 2.39 17.07
CA ASP A 225 31.32 0.97 17.33
C ASP A 225 30.36 0.13 16.52
N LEU A 226 29.21 0.67 16.16
CA LEU A 226 28.27 -0.07 15.32
C LEU A 226 27.83 0.86 14.19
N VAL A 227 27.29 0.21 13.17
CA VAL A 227 26.60 0.95 12.11
C VAL A 227 25.18 0.38 12.03
N ARG A 228 24.18 1.18 11.68
CA ARG A 228 22.79 0.75 11.57
C ARG A 228 22.25 0.99 10.17
N PRO A 229 22.68 0.24 9.17
CA PRO A 229 22.22 0.51 7.79
C PRO A 229 20.87 -0.14 7.56
N GLY A 230 19.97 0.56 6.89
CA GLY A 230 18.74 -0.11 6.49
C GLY A 230 18.73 -0.22 4.96
N ILE A 231 18.56 0.91 4.31
CA ILE A 231 18.35 1.01 2.87
C ILE A 231 19.40 0.24 2.08
N ALA A 232 20.70 0.30 2.41
CA ALA A 232 21.72 -0.45 1.67
C ALA A 232 21.64 -1.95 1.90
N VAL A 233 21.05 -2.45 2.99
CA VAL A 233 20.87 -3.88 3.15
C VAL A 233 19.91 -4.42 2.07
N TYR A 234 18.93 -3.62 1.67
CA TYR A 234 18.06 -3.98 0.55
C TYR A 234 18.69 -3.66 -0.80
N GLY A 235 19.91 -3.15 -0.76
CA GLY A 235 20.72 -2.91 -1.94
C GLY A 235 20.29 -1.67 -2.71
N LEU A 236 19.44 -0.87 -2.11
CA LEU A 236 19.09 0.44 -2.64
C LEU A 236 20.12 1.48 -2.27
N SER A 237 20.45 2.36 -3.22
CA SER A 237 21.60 3.24 -2.98
C SER A 237 21.34 4.34 -1.96
N PRO A 238 22.19 4.37 -0.93
CA PRO A 238 22.04 5.38 0.14
C PRO A 238 22.42 6.78 -0.33
N VAL A 239 23.13 6.91 -1.46
CA VAL A 239 23.37 8.21 -2.06
C VAL A 239 23.16 8.09 -3.57
N PRO A 240 21.93 8.27 -4.02
CA PRO A 240 21.57 7.99 -5.42
C PRO A 240 22.50 8.63 -6.43
N ALA A 241 22.85 9.90 -6.21
CA ALA A 241 23.66 10.61 -7.19
C ALA A 241 24.96 9.87 -7.47
N LEU A 242 25.46 9.11 -6.50
CA LEU A 242 26.72 8.40 -6.63
C LEU A 242 26.58 7.08 -7.36
N GLY A 243 25.36 6.66 -7.73
CA GLY A 243 25.30 5.36 -8.39
C GLY A 243 24.92 4.25 -7.44
N ASP A 244 25.16 3.00 -7.81
CA ASP A 244 24.62 1.88 -7.04
C ASP A 244 25.52 1.49 -5.87
N MET A 245 26.64 2.17 -5.81
CA MET A 245 27.68 2.06 -4.80
C MET A 245 28.05 0.61 -4.51
N GLY A 246 27.95 -0.28 -5.51
CA GLY A 246 28.34 -1.67 -5.37
C GLY A 246 27.30 -2.57 -4.77
N LEU A 247 26.09 -2.04 -4.55
CA LEU A 247 25.03 -2.86 -4.00
C LEU A 247 24.12 -3.43 -5.09
N VAL A 248 23.42 -4.50 -4.75
CA VAL A 248 22.41 -5.11 -5.62
C VAL A 248 21.01 -5.04 -5.03
N PRO A 249 20.15 -4.19 -5.57
CA PRO A 249 18.75 -4.13 -5.11
C PRO A 249 18.10 -5.51 -5.10
N ALA A 250 17.60 -5.90 -3.94
CA ALA A 250 17.08 -7.23 -3.69
C ALA A 250 15.66 -7.47 -4.15
N MET A 251 14.89 -6.42 -4.43
CA MET A 251 13.48 -6.66 -4.76
C MET A 251 13.22 -6.54 -6.26
N THR A 252 12.54 -7.53 -6.83
CA THR A 252 12.08 -7.44 -8.21
C THR A 252 10.56 -7.54 -8.19
N VAL A 253 9.85 -6.52 -8.67
CA VAL A 253 8.38 -6.62 -8.72
C VAL A 253 7.99 -6.94 -10.16
N LYS A 254 7.20 -8.01 -10.27
CA LYS A 254 6.79 -8.41 -11.63
C LYS A 254 5.43 -9.08 -11.63
N CYS A 255 4.90 -9.28 -12.83
CA CYS A 255 3.58 -9.90 -12.92
C CYS A 255 3.42 -10.54 -14.30
N ALA A 256 2.47 -11.46 -14.42
CA ALA A 256 2.25 -12.11 -15.71
C ALA A 256 1.33 -11.27 -16.58
N VAL A 257 1.64 -11.27 -17.87
CA VAL A 257 0.81 -10.64 -18.90
C VAL A 257 -0.54 -11.33 -18.93
N ALA A 258 -1.64 -10.56 -18.81
CA ALA A 258 -2.93 -11.25 -18.69
C ALA A 258 -3.65 -11.34 -20.03
N LEU A 259 -3.23 -10.48 -20.94
CA LEU A 259 -3.83 -10.43 -22.26
C LEU A 259 -2.94 -9.64 -23.21
N VAL A 260 -2.95 -10.04 -24.46
CA VAL A 260 -2.35 -9.33 -25.57
C VAL A 260 -3.46 -8.97 -26.56
N LYS A 261 -3.48 -7.75 -27.07
CA LYS A 261 -4.49 -7.40 -28.06
C LYS A 261 -3.97 -6.36 -29.04
N SER A 262 -4.46 -6.42 -30.29
CA SER A 262 -4.04 -5.34 -31.20
C SER A 262 -5.07 -4.22 -31.09
N ILE A 263 -4.69 -2.99 -31.39
CA ILE A 263 -5.70 -1.93 -31.40
C ILE A 263 -5.42 -1.02 -32.61
N ARG A 264 -6.40 -0.21 -32.99
CA ARG A 264 -6.19 0.67 -34.15
C ARG A 264 -5.92 2.12 -33.75
N ALA A 265 -5.15 2.81 -34.58
CA ALA A 265 -4.87 4.23 -34.46
C ALA A 265 -6.15 5.00 -34.17
N GLY A 266 -6.11 5.92 -33.21
CA GLY A 266 -7.23 6.78 -32.89
C GLY A 266 -8.13 6.25 -31.80
N GLU A 267 -7.84 5.06 -31.28
CA GLU A 267 -8.59 4.47 -30.20
C GLU A 267 -8.02 4.88 -28.84
N GLY A 268 -8.88 5.24 -27.90
CA GLY A 268 -8.40 5.58 -26.56
C GLY A 268 -8.36 4.32 -25.70
N VAL A 269 -7.52 4.28 -24.68
CA VAL A 269 -7.38 3.14 -23.79
C VAL A 269 -7.62 3.60 -22.35
N SER A 270 -8.28 2.79 -21.54
CA SER A 270 -8.44 3.00 -20.11
C SER A 270 -9.27 4.22 -19.75
N TYR A 271 -9.51 4.43 -18.46
CA TYR A 271 -10.32 5.54 -17.98
C TYR A 271 -9.94 6.89 -18.59
N GLY A 272 -10.99 7.63 -18.93
CA GLY A 272 -10.88 8.98 -19.45
C GLY A 272 -10.24 9.10 -20.81
N HIS A 273 -9.77 7.99 -21.38
CA HIS A 273 -9.07 8.02 -22.66
C HIS A 273 -7.99 9.10 -22.69
N THR A 274 -7.11 9.08 -21.69
CA THR A 274 -6.05 10.09 -21.66
C THR A 274 -4.96 9.77 -22.67
N TRP A 275 -5.03 8.55 -23.23
CA TRP A 275 -4.15 8.13 -24.31
C TRP A 275 -4.96 7.61 -25.50
N ILE A 276 -4.60 8.11 -26.66
CA ILE A 276 -5.22 7.78 -27.94
C ILE A 276 -4.11 7.33 -28.87
N ALA A 277 -4.17 6.08 -29.33
CA ALA A 277 -3.04 5.59 -30.13
C ALA A 277 -2.88 6.45 -31.39
N PRO A 278 -1.65 6.89 -31.60
CA PRO A 278 -1.28 7.56 -32.84
C PRO A 278 -1.07 6.58 -34.00
N ARG A 279 -1.23 5.28 -33.75
CA ARG A 279 -1.04 4.28 -34.81
C ARG A 279 -1.51 2.90 -34.38
N ASP A 280 -1.72 2.00 -35.34
CA ASP A 280 -2.06 0.62 -35.00
C ASP A 280 -0.93 0.01 -34.15
N THR A 281 -1.28 -0.69 -33.09
CA THR A 281 -0.20 -1.22 -32.23
C THR A 281 -0.72 -2.41 -31.44
N ASN A 282 0.15 -3.12 -30.74
CA ASN A 282 -0.20 -4.18 -29.81
C ASN A 282 -0.04 -3.70 -28.36
N LEU A 283 -0.96 -4.08 -27.50
CA LEU A 283 -0.96 -3.74 -26.09
C LEU A 283 -0.95 -5.01 -25.24
N ALA A 284 -0.51 -4.89 -24.01
CA ALA A 284 -0.54 -5.97 -23.02
C ALA A 284 -1.30 -5.49 -21.80
N LEU A 285 -2.21 -6.27 -21.25
CA LEU A 285 -2.88 -5.88 -20.00
C LEU A 285 -2.09 -6.50 -18.84
N LEU A 286 -1.68 -5.67 -17.88
CA LEU A 286 -1.06 -6.18 -16.66
C LEU A 286 -2.05 -6.04 -15.52
N PRO A 287 -2.36 -7.14 -14.83
CA PRO A 287 -3.47 -7.18 -13.87
C PRO A 287 -3.13 -6.78 -12.44
N ILE A 288 -2.34 -5.74 -12.23
CA ILE A 288 -2.14 -5.13 -10.91
C ILE A 288 -2.27 -3.62 -11.07
N GLY A 289 -2.64 -2.89 -10.04
CA GLY A 289 -2.87 -1.44 -10.19
C GLY A 289 -2.58 -0.65 -8.93
N TYR A 290 -3.15 0.55 -8.79
CA TYR A 290 -2.69 1.36 -7.65
C TYR A 290 -3.09 0.75 -6.31
N ALA A 291 -4.11 -0.10 -6.25
CA ALA A 291 -4.42 -0.68 -4.93
C ALA A 291 -3.39 -1.74 -4.54
N ASP A 292 -2.59 -2.17 -5.51
CA ASP A 292 -1.49 -3.10 -5.25
C ASP A 292 -0.17 -2.37 -5.09
N GLY A 293 -0.21 -1.04 -5.13
CA GLY A 293 1.01 -0.26 -4.92
C GLY A 293 1.66 0.27 -6.17
N VAL A 294 1.03 0.08 -7.33
CA VAL A 294 1.57 0.76 -8.51
C VAL A 294 1.12 2.22 -8.48
N PHE A 295 1.97 3.15 -8.03
CA PHE A 295 1.57 4.55 -7.88
C PHE A 295 0.78 5.07 -9.07
N ARG A 296 -0.39 5.65 -8.84
CA ARG A 296 -1.18 6.09 -10.00
C ARG A 296 -0.49 7.18 -10.80
N SER A 297 0.30 8.02 -10.16
CA SER A 297 1.11 9.05 -10.82
C SER A 297 2.08 8.47 -11.85
N LEU A 298 2.36 7.17 -11.82
CA LEU A 298 3.20 6.56 -12.85
C LEU A 298 2.51 6.39 -14.20
N GLY A 299 1.20 6.59 -14.26
CA GLY A 299 0.40 6.42 -15.46
C GLY A 299 0.98 7.20 -16.62
N GLY A 300 1.19 6.54 -17.76
CA GLY A 300 1.77 7.16 -18.93
C GLY A 300 3.21 7.57 -18.74
N ARG A 301 3.84 7.15 -17.66
CA ARG A 301 5.24 7.56 -17.45
C ARG A 301 6.15 6.36 -17.28
N LEU A 302 5.71 5.31 -16.58
CA LEU A 302 6.60 4.16 -16.42
C LEU A 302 6.82 3.32 -17.69
N GLU A 303 7.85 2.47 -17.65
CA GLU A 303 8.12 1.46 -18.64
C GLU A 303 8.30 0.10 -17.98
N VAL A 304 7.81 -0.95 -18.64
CA VAL A 304 8.05 -2.28 -18.09
C VAL A 304 8.97 -3.04 -19.05
N LEU A 305 9.61 -4.06 -18.53
CA LEU A 305 10.45 -4.96 -19.31
C LEU A 305 9.71 -6.27 -19.58
N ILE A 306 9.53 -6.56 -20.87
CA ILE A 306 8.92 -7.85 -21.23
C ILE A 306 9.81 -8.50 -22.30
N ASN A 307 10.19 -9.73 -22.04
CA ASN A 307 11.09 -10.47 -22.91
C ASN A 307 12.23 -9.61 -23.43
N GLY A 308 12.90 -8.89 -22.51
CA GLY A 308 14.07 -8.11 -22.83
C GLY A 308 13.78 -6.79 -23.49
N ARG A 309 12.53 -6.36 -23.59
CA ARG A 309 12.24 -5.10 -24.29
C ARG A 309 11.54 -4.09 -23.41
N ARG A 310 11.81 -2.78 -23.48
CA ARG A 310 11.00 -1.89 -22.62
C ARG A 310 9.68 -1.53 -23.30
N CYS A 311 8.58 -1.52 -22.55
CA CYS A 311 7.22 -1.25 -22.99
C CYS A 311 6.57 -0.15 -22.15
N PRO A 312 6.31 1.04 -22.69
CA PRO A 312 5.74 2.11 -21.86
C PRO A 312 4.28 1.91 -21.51
N GLY A 313 3.96 2.29 -20.27
CA GLY A 313 2.57 2.32 -19.86
C GLY A 313 1.79 3.25 -20.76
N VAL A 314 0.55 2.90 -21.12
CA VAL A 314 -0.27 3.86 -21.84
C VAL A 314 -1.59 4.06 -21.11
N GLY A 315 -2.05 5.31 -20.99
CA GLY A 315 -3.33 5.51 -20.34
C GLY A 315 -3.23 5.43 -18.82
N ARG A 316 -4.33 5.70 -18.11
CA ARG A 316 -4.31 5.72 -16.66
C ARG A 316 -3.95 4.40 -15.99
N ILE A 317 -3.38 4.49 -14.78
CA ILE A 317 -3.26 3.27 -13.98
C ILE A 317 -4.59 3.05 -13.27
N CYS A 318 -5.23 1.90 -13.38
CA CYS A 318 -6.50 1.71 -12.68
C CYS A 318 -6.25 1.10 -11.31
N MET A 319 -7.37 0.77 -10.66
CA MET A 319 -7.26 0.27 -9.30
C MET A 319 -6.48 -1.03 -9.31
N ASP A 320 -6.74 -1.84 -10.35
CA ASP A 320 -6.16 -3.18 -10.30
C ASP A 320 -5.60 -3.65 -11.62
N GLN A 321 -5.37 -2.72 -12.54
CA GLN A 321 -4.71 -3.08 -13.80
C GLN A 321 -4.20 -1.86 -14.54
N PHE A 322 -3.31 -2.08 -15.52
CA PHE A 322 -2.95 -1.01 -16.44
C PHE A 322 -2.45 -1.62 -17.74
N MET A 323 -2.32 -0.81 -18.78
CA MET A 323 -1.89 -1.30 -20.08
C MET A 323 -0.50 -0.79 -20.42
N VAL A 324 0.21 -1.56 -21.22
CA VAL A 324 1.49 -1.10 -21.77
C VAL A 324 1.43 -1.31 -23.29
N ASP A 325 2.23 -0.51 -23.96
CA ASP A 325 2.31 -0.58 -25.43
C ASP A 325 3.51 -1.43 -25.83
N LEU A 326 3.26 -2.49 -26.57
CA LEU A 326 4.26 -3.40 -27.11
C LEU A 326 4.82 -2.96 -28.46
N GLY A 327 4.28 -1.89 -29.03
CA GLY A 327 4.73 -1.43 -30.32
C GLY A 327 4.09 -2.22 -31.47
N PRO A 328 4.24 -1.71 -32.68
CA PRO A 328 3.68 -2.36 -33.86
C PRO A 328 4.63 -3.38 -34.47
N GLY A 329 5.76 -3.62 -33.79
CA GLY A 329 6.70 -4.60 -34.32
C GLY A 329 6.21 -6.02 -34.20
N PRO A 330 6.95 -6.98 -34.74
CA PRO A 330 6.55 -8.40 -34.68
C PRO A 330 6.19 -8.79 -33.27
N LEU A 331 5.02 -9.38 -33.05
CA LEU A 331 4.61 -9.60 -31.66
C LEU A 331 5.48 -10.63 -30.95
N ASP A 332 6.21 -10.19 -29.92
CA ASP A 332 7.02 -11.16 -29.17
C ASP A 332 6.58 -11.28 -27.72
N VAL A 333 5.31 -11.05 -27.43
CA VAL A 333 4.77 -11.25 -26.08
C VAL A 333 3.55 -12.16 -26.13
N ALA A 334 3.40 -13.05 -25.16
CA ALA A 334 2.21 -13.89 -25.12
C ALA A 334 1.59 -13.79 -23.74
N GLU A 335 0.29 -14.05 -23.66
CA GLU A 335 -0.34 -14.22 -22.36
C GLU A 335 0.50 -15.21 -21.56
N GLY A 336 0.76 -14.87 -20.30
CA GLY A 336 1.52 -15.74 -19.42
C GLY A 336 2.95 -15.26 -19.32
N ASP A 337 3.42 -14.47 -20.29
CA ASP A 337 4.82 -14.07 -20.15
C ASP A 337 4.98 -13.17 -18.91
N GLU A 338 6.22 -12.91 -18.56
CA GLU A 338 6.60 -12.12 -17.40
C GLU A 338 6.93 -10.68 -17.78
N ALA A 339 6.27 -9.76 -17.06
CA ALA A 339 6.57 -8.36 -17.13
C ALA A 339 7.22 -7.93 -15.81
N ILE A 340 8.37 -7.29 -15.94
CA ILE A 340 9.11 -6.76 -14.80
C ILE A 340 8.95 -5.25 -14.66
N LEU A 341 8.32 -4.86 -13.53
CA LEU A 341 8.08 -3.43 -13.28
C LEU A 341 9.33 -2.75 -12.72
N PHE A 342 9.99 -3.32 -11.71
CA PHE A 342 11.31 -2.79 -11.36
C PHE A 342 12.17 -3.90 -10.74
N GLY A 343 13.47 -3.66 -10.65
CA GLY A 343 14.36 -4.65 -10.09
C GLY A 343 15.75 -4.04 -9.98
N PRO A 344 16.77 -4.88 -9.82
CA PRO A 344 18.15 -4.39 -9.72
C PRO A 344 18.60 -3.74 -11.02
N GLY A 345 18.03 -4.14 -12.16
CA GLY A 345 18.41 -3.49 -13.42
C GLY A 345 19.27 -4.42 -14.27
N ILE A 346 19.62 -5.58 -13.72
CA ILE A 346 20.61 -6.44 -14.37
C ILE A 346 20.12 -6.91 -15.75
N ARG A 347 18.80 -7.01 -15.92
CA ARG A 347 18.29 -7.49 -17.21
C ARG A 347 17.83 -6.31 -18.06
N GLY A 348 18.21 -5.11 -17.65
CA GLY A 348 17.77 -3.90 -18.31
C GLY A 348 16.43 -3.41 -17.80
N GLU A 349 15.81 -4.06 -16.82
CA GLU A 349 14.53 -3.54 -16.30
C GLU A 349 14.72 -2.23 -15.56
N PRO A 350 13.67 -1.45 -15.33
CA PRO A 350 13.78 -0.23 -14.55
C PRO A 350 14.12 -0.56 -13.08
N THR A 351 14.61 0.43 -12.33
CA THR A 351 14.91 0.29 -10.92
C THR A 351 13.88 1.00 -10.06
N ALA A 352 13.95 0.76 -8.75
CA ALA A 352 13.07 1.51 -7.85
C ALA A 352 13.38 3.00 -7.91
N GLN A 353 14.64 3.32 -8.11
CA GLN A 353 15.06 4.73 -8.24
C GLN A 353 14.40 5.41 -9.43
N ASP A 354 14.19 4.66 -10.51
CA ASP A 354 13.53 5.18 -11.71
C ASP A 354 12.09 5.58 -11.41
N TRP A 355 11.34 4.69 -10.76
CA TRP A 355 10.02 5.01 -10.28
C TRP A 355 10.06 6.25 -9.37
N ALA A 356 10.98 6.27 -8.40
CA ALA A 356 11.10 7.43 -7.52
C ALA A 356 11.28 8.72 -8.31
N ASP A 357 12.13 8.67 -9.34
CA ASP A 357 12.33 9.91 -10.11
C ASP A 357 11.03 10.29 -10.80
N LEU A 358 10.35 9.28 -11.35
CA LEU A 358 9.15 9.62 -12.11
C LEU A 358 8.07 10.22 -11.23
N VAL A 359 7.89 9.64 -10.06
CA VAL A 359 6.83 10.03 -9.14
C VAL A 359 7.20 11.27 -8.34
N GLY A 360 8.50 11.50 -8.14
CA GLY A 360 8.88 12.63 -7.30
C GLY A 360 9.05 12.24 -5.84
N THR A 361 9.56 11.04 -5.58
CA THR A 361 9.75 10.56 -4.21
C THR A 361 11.10 9.88 -4.08
N ILE A 362 11.27 8.94 -3.18
CA ILE A 362 12.51 8.21 -2.89
C ILE A 362 12.28 6.70 -2.98
N HIS A 363 13.28 5.90 -3.31
CA HIS A 363 13.12 4.45 -3.47
C HIS A 363 12.62 3.78 -2.19
N TYR A 364 12.89 4.38 -1.03
CA TYR A 364 12.37 3.87 0.23
C TYR A 364 10.85 3.69 0.13
N GLU A 365 10.22 4.72 -0.46
CA GLU A 365 8.76 4.65 -0.50
C GLU A 365 8.30 3.65 -1.55
N VAL A 366 9.05 3.53 -2.63
CA VAL A 366 8.74 2.55 -3.67
C VAL A 366 8.74 1.12 -3.16
N VAL A 367 9.74 0.65 -2.41
CA VAL A 367 9.73 -0.75 -1.98
C VAL A 367 8.80 -0.97 -0.79
N THR A 368 8.32 0.09 -0.14
CA THR A 368 7.32 -0.18 0.89
C THR A 368 5.92 -0.04 0.30
N SER A 369 5.83 0.16 -1.00
CA SER A 369 4.51 0.25 -1.63
C SER A 369 3.86 -1.05 -2.05
N PRO A 370 4.54 -2.04 -2.63
CA PRO A 370 3.83 -3.23 -3.13
C PRO A 370 2.91 -3.93 -2.13
N ARG A 371 1.72 -4.30 -2.59
CA ARG A 371 0.76 -4.97 -1.70
C ARG A 371 -0.40 -5.57 -2.47
N GLY A 372 -1.53 -5.76 -1.81
CA GLY A 372 -2.69 -6.36 -2.48
C GLY A 372 -2.32 -7.70 -3.08
N ARG A 373 -2.34 -7.80 -4.41
CA ARG A 373 -2.10 -9.08 -5.06
C ARG A 373 -0.64 -9.31 -5.40
N ILE A 374 0.20 -8.30 -5.15
CA ILE A 374 1.64 -8.60 -5.31
C ILE A 374 2.08 -9.47 -4.12
N THR A 375 2.35 -10.75 -4.35
CA THR A 375 2.78 -11.70 -3.35
C THR A 375 4.30 -11.70 -3.15
N ARG A 376 4.71 -11.55 -1.89
CA ARG A 376 6.14 -11.58 -1.59
C ARG A 376 6.67 -13.01 -1.59
N THR A 377 7.74 -13.19 -2.36
CA THR A 377 8.31 -14.51 -2.60
C THR A 377 9.80 -14.39 -2.36
N TYR A 378 10.53 -15.50 -2.19
CA TYR A 378 11.95 -15.38 -1.95
C TYR A 378 12.73 -16.37 -2.83
N ARG A 379 13.88 -15.91 -3.29
CA ARG A 379 14.89 -16.74 -3.93
C ARG A 379 15.99 -16.97 -2.89
N GLU A 380 16.22 -18.23 -2.53
CA GLU A 380 17.27 -18.52 -1.54
C GLU A 380 18.63 -18.06 -2.04
N ALA A 381 19.55 -17.85 -1.10
CA ALA A 381 20.93 -17.47 -1.38
C ALA A 381 21.80 -18.71 -1.54
N LEU B 11 -2.16 2.34 17.93
CA LEU B 11 -1.23 3.35 17.43
C LEU B 11 -1.88 4.18 16.33
N ALA B 12 -2.58 3.50 15.44
CA ALA B 12 -3.32 4.26 14.42
C ALA B 12 -4.41 3.36 13.85
N GLU B 13 -5.48 4.00 13.36
CA GLU B 13 -6.47 3.07 12.80
C GLU B 13 -7.16 3.74 11.62
N ALA B 14 -7.67 2.85 10.78
CA ALA B 14 -8.57 3.22 9.70
C ALA B 14 -9.95 2.80 10.19
N MET B 15 -10.76 3.75 10.68
CA MET B 15 -12.04 3.32 11.22
C MET B 15 -13.15 3.48 10.18
N VAL B 16 -13.81 2.36 9.93
CA VAL B 16 -14.89 2.28 8.95
C VAL B 16 -16.24 2.29 9.66
N ASP B 17 -17.01 3.35 9.38
CA ASP B 17 -18.34 3.51 9.98
C ASP B 17 -19.37 2.75 9.17
N LEU B 18 -19.81 1.60 9.69
CA LEU B 18 -20.71 0.78 8.90
C LEU B 18 -22.08 1.43 8.80
N GLY B 19 -22.31 2.44 9.64
CA GLY B 19 -23.50 3.27 9.57
C GLY B 19 -23.50 4.14 8.33
N ALA B 20 -22.32 4.64 7.96
CA ALA B 20 -22.20 5.42 6.73
C ALA B 20 -22.41 4.53 5.49
N ILE B 21 -21.86 3.33 5.52
CA ILE B 21 -22.01 2.34 4.46
C ILE B 21 -23.49 2.15 4.13
N GLU B 22 -24.21 1.74 5.17
CA GLU B 22 -25.64 1.51 5.12
C GLU B 22 -26.36 2.68 4.48
N HIS B 23 -26.07 3.87 5.00
CA HIS B 23 -26.65 5.10 4.48
C HIS B 23 -26.42 5.28 2.98
N ASN B 24 -25.15 5.19 2.59
CA ASN B 24 -24.72 5.31 1.22
C ASN B 24 -25.43 4.30 0.33
N VAL B 25 -25.56 3.08 0.87
CA VAL B 25 -26.23 2.07 0.06
C VAL B 25 -27.72 2.39 -0.11
N ARG B 26 -28.39 2.92 0.91
CA ARG B 26 -29.80 3.28 0.72
C ARG B 26 -29.92 4.43 -0.28
N VAL B 27 -28.97 5.37 -0.19
CA VAL B 27 -28.98 6.50 -1.12
C VAL B 27 -28.88 5.95 -2.54
N LEU B 28 -27.97 5.00 -2.74
CA LEU B 28 -27.75 4.44 -4.07
C LEU B 28 -29.00 3.72 -4.54
N ARG B 29 -29.65 3.00 -3.62
CA ARG B 29 -30.88 2.30 -4.02
C ARG B 29 -31.92 3.28 -4.52
N GLU B 30 -32.05 4.42 -3.85
CA GLU B 30 -32.99 5.44 -4.31
C GLU B 30 -32.71 5.81 -5.75
N HIS B 31 -31.44 6.11 -6.03
CA HIS B 31 -31.05 6.42 -7.40
C HIS B 31 -31.21 5.26 -8.39
N ALA B 32 -31.10 4.01 -7.93
CA ALA B 32 -31.12 2.89 -8.86
C ALA B 32 -32.55 2.51 -9.23
N GLY B 33 -33.50 2.97 -8.42
CA GLY B 33 -34.90 2.71 -8.71
C GLY B 33 -35.15 1.23 -8.86
N HIS B 34 -35.74 0.82 -9.99
CA HIS B 34 -36.01 -0.63 -9.93
C HIS B 34 -34.76 -1.43 -10.25
N ALA B 35 -33.69 -0.79 -10.71
CA ALA B 35 -32.47 -1.55 -10.93
C ALA B 35 -31.99 -2.23 -9.64
N GLN B 36 -31.60 -3.49 -9.70
CA GLN B 36 -30.98 -4.26 -8.64
C GLN B 36 -29.55 -3.75 -8.42
N LEU B 37 -29.16 -3.74 -7.15
CA LEU B 37 -27.85 -3.16 -6.87
C LEU B 37 -26.79 -4.22 -6.63
N MET B 38 -25.67 -4.13 -7.34
CA MET B 38 -24.52 -5.01 -7.06
C MET B 38 -23.42 -4.21 -6.37
N ALA B 39 -23.26 -4.32 -5.05
CA ALA B 39 -22.21 -3.56 -4.37
C ALA B 39 -20.82 -4.07 -4.77
N VAL B 40 -19.97 -3.19 -5.27
CA VAL B 40 -18.62 -3.61 -5.68
C VAL B 40 -17.66 -3.54 -4.50
N VAL B 41 -17.13 -4.71 -4.13
CA VAL B 41 -16.22 -4.77 -2.99
C VAL B 41 -14.83 -5.31 -3.36
N LYS B 42 -14.36 -5.05 -4.57
CA LYS B 42 -13.00 -5.43 -4.99
C LYS B 42 -11.94 -4.70 -4.19
N ALA B 43 -10.68 -5.17 -4.26
CA ALA B 43 -9.59 -4.59 -3.49
C ALA B 43 -9.89 -4.53 -1.98
N ASP B 44 -10.39 -5.61 -1.40
CA ASP B 44 -10.73 -5.64 0.02
C ASP B 44 -11.65 -4.49 0.40
N GLY B 45 -12.74 -4.35 -0.35
CA GLY B 45 -13.74 -3.31 -0.18
C GLY B 45 -13.14 -1.93 -0.30
N TYR B 46 -12.32 -1.74 -1.34
CA TYR B 46 -11.64 -0.46 -1.50
C TYR B 46 -10.88 -0.05 -0.24
N GLY B 47 -10.21 -1.01 0.38
CA GLY B 47 -9.47 -0.79 1.63
C GLY B 47 -10.35 -0.65 2.86
N HIS B 48 -11.67 -0.83 2.73
CA HIS B 48 -12.60 -0.70 3.85
C HIS B 48 -12.96 -2.05 4.46
N GLY B 49 -12.65 -3.15 3.78
CA GLY B 49 -12.97 -4.50 4.27
C GLY B 49 -14.13 -5.11 3.51
N ALA B 50 -13.84 -5.96 2.53
CA ALA B 50 -14.85 -6.52 1.66
C ALA B 50 -15.96 -7.21 2.42
N THR B 51 -15.58 -8.04 3.39
CA THR B 51 -16.56 -8.89 4.05
C THR B 51 -17.54 -8.09 4.89
N ARG B 52 -16.98 -7.22 5.73
CA ARG B 52 -17.84 -6.38 6.57
C ARG B 52 -18.65 -5.41 5.72
N VAL B 53 -18.04 -4.76 4.73
CA VAL B 53 -18.83 -3.90 3.83
C VAL B 53 -19.89 -4.71 3.10
N ALA B 54 -19.56 -5.89 2.58
CA ALA B 54 -20.59 -6.71 1.92
C ALA B 54 -21.75 -7.05 2.84
N GLN B 55 -21.45 -7.42 4.08
CA GLN B 55 -22.55 -7.83 4.97
C GLN B 55 -23.51 -6.67 5.20
N THR B 56 -22.94 -5.51 5.47
CA THR B 56 -23.73 -4.29 5.66
C THR B 56 -24.53 -3.90 4.44
N ALA B 57 -23.88 -3.98 3.28
CA ALA B 57 -24.61 -3.60 2.06
C ALA B 57 -25.77 -4.53 1.78
N LEU B 58 -25.54 -5.84 1.90
CA LEU B 58 -26.63 -6.79 1.69
C LEU B 58 -27.75 -6.50 2.69
N GLY B 59 -27.39 -6.09 3.89
CA GLY B 59 -28.35 -5.72 4.92
C GLY B 59 -29.06 -4.43 4.56
N ALA B 60 -28.41 -3.57 3.79
CA ALA B 60 -29.00 -2.33 3.33
C ALA B 60 -29.74 -2.49 2.01
N GLY B 61 -29.81 -3.71 1.47
CA GLY B 61 -30.66 -3.88 0.31
C GLY B 61 -29.93 -4.17 -0.98
N ALA B 62 -28.61 -4.25 -0.97
CA ALA B 62 -27.91 -4.68 -2.19
C ALA B 62 -28.36 -6.09 -2.53
N ALA B 63 -28.47 -6.39 -3.82
CA ALA B 63 -28.92 -7.71 -4.24
C ALA B 63 -27.77 -8.68 -4.46
N GLU B 64 -26.63 -8.16 -4.87
CA GLU B 64 -25.49 -9.01 -5.23
C GLU B 64 -24.20 -8.25 -4.94
N LEU B 65 -23.09 -8.95 -5.06
CA LEU B 65 -21.75 -8.41 -4.81
C LEU B 65 -20.89 -8.55 -6.06
N GLY B 66 -19.97 -7.61 -6.26
CA GLY B 66 -19.09 -7.72 -7.43
C GLY B 66 -17.65 -7.60 -6.96
N VAL B 67 -16.79 -8.45 -7.49
CA VAL B 67 -15.37 -8.35 -7.18
C VAL B 67 -14.56 -8.49 -8.46
N ALA B 68 -13.27 -8.14 -8.44
CA ALA B 68 -12.47 -8.38 -9.63
C ALA B 68 -12.13 -9.86 -9.82
N THR B 69 -11.61 -10.51 -8.78
CA THR B 69 -11.06 -11.84 -8.97
C THR B 69 -11.79 -12.97 -8.24
N VAL B 70 -11.63 -14.16 -8.79
CA VAL B 70 -12.25 -15.33 -8.14
C VAL B 70 -11.69 -15.45 -6.74
N ASP B 71 -10.41 -15.07 -6.60
CA ASP B 71 -9.82 -15.16 -5.26
C ASP B 71 -10.57 -14.33 -4.24
N GLU B 72 -10.92 -13.10 -4.61
CA GLU B 72 -11.70 -12.20 -3.77
C GLU B 72 -13.06 -12.79 -3.45
N ALA B 73 -13.68 -13.45 -4.43
CA ALA B 73 -14.99 -14.06 -4.25
C ALA B 73 -14.92 -15.22 -3.26
N LEU B 74 -13.89 -16.05 -3.46
CA LEU B 74 -13.68 -17.17 -2.56
C LEU B 74 -13.43 -16.67 -1.15
N ALA B 75 -12.82 -15.48 -0.98
CA ALA B 75 -12.65 -15.06 0.41
C ALA B 75 -14.00 -14.72 1.02
N LEU B 76 -14.92 -14.18 0.19
CA LEU B 76 -16.21 -13.81 0.78
C LEU B 76 -16.96 -15.09 1.16
N ARG B 77 -16.88 -16.06 0.27
CA ARG B 77 -17.49 -17.36 0.54
C ARG B 77 -16.91 -17.99 1.80
N ALA B 78 -15.60 -17.89 1.99
CA ALA B 78 -14.98 -18.47 3.17
C ALA B 78 -15.41 -17.75 4.43
N ASP B 79 -15.77 -16.48 4.26
CA ASP B 79 -16.20 -15.65 5.37
C ASP B 79 -17.69 -15.81 5.64
N GLY B 80 -18.32 -16.83 5.04
CA GLY B 80 -19.74 -16.99 5.36
C GLY B 80 -20.67 -16.31 4.39
N ILE B 81 -20.17 -15.56 3.40
CA ILE B 81 -21.17 -14.95 2.51
C ILE B 81 -21.75 -15.96 1.53
N THR B 82 -23.08 -16.00 1.46
CA THR B 82 -23.70 -16.92 0.53
C THR B 82 -24.40 -16.18 -0.60
N ALA B 83 -24.48 -14.85 -0.50
CA ALA B 83 -25.17 -14.07 -1.53
C ALA B 83 -24.47 -14.16 -2.87
N PRO B 84 -25.14 -13.85 -3.98
CA PRO B 84 -24.51 -13.98 -5.30
C PRO B 84 -23.29 -13.05 -5.40
N VAL B 85 -22.24 -13.58 -6.00
CA VAL B 85 -20.99 -12.86 -6.21
C VAL B 85 -20.48 -13.08 -7.63
N LEU B 86 -20.08 -11.99 -8.27
CA LEU B 86 -19.61 -12.04 -9.65
C LEU B 86 -18.14 -11.63 -9.70
N ALA B 87 -17.30 -12.38 -10.40
CA ALA B 87 -15.89 -12.00 -10.57
C ALA B 87 -15.57 -11.84 -12.04
N TRP B 88 -14.84 -10.78 -12.39
CA TRP B 88 -14.67 -10.50 -13.82
C TRP B 88 -13.26 -10.32 -14.32
N LEU B 89 -12.20 -10.46 -13.51
CA LEU B 89 -10.85 -10.36 -14.07
C LEU B 89 -10.06 -11.62 -13.68
N HIS B 90 -9.68 -12.40 -14.68
CA HIS B 90 -9.10 -13.71 -14.53
C HIS B 90 -7.78 -13.82 -15.28
N PRO B 91 -6.74 -14.21 -14.54
CA PRO B 91 -5.43 -14.43 -15.15
C PRO B 91 -5.44 -15.69 -16.02
N PRO B 92 -4.64 -15.74 -17.07
CA PRO B 92 -4.40 -16.98 -17.80
C PRO B 92 -3.97 -18.11 -16.87
N GLY B 93 -4.45 -19.33 -17.05
CA GLY B 93 -3.99 -20.35 -16.12
C GLY B 93 -4.95 -20.50 -14.96
N ILE B 94 -5.94 -19.61 -14.84
CA ILE B 94 -6.87 -19.80 -13.74
C ILE B 94 -7.59 -21.14 -13.78
N ASP B 95 -7.72 -21.80 -12.63
CA ASP B 95 -8.62 -22.96 -12.51
C ASP B 95 -10.01 -22.51 -12.09
N PHE B 96 -11.00 -22.63 -12.96
CA PHE B 96 -12.35 -22.17 -12.65
C PHE B 96 -13.08 -23.20 -11.78
N GLY B 97 -12.50 -24.38 -11.58
CA GLY B 97 -13.17 -25.41 -10.80
C GLY B 97 -13.63 -24.95 -9.44
N PRO B 98 -12.71 -24.46 -8.62
CA PRO B 98 -13.11 -23.97 -7.30
C PRO B 98 -14.19 -22.91 -7.34
N ALA B 99 -14.24 -22.04 -8.34
CA ALA B 99 -15.32 -21.05 -8.40
C ALA B 99 -16.68 -21.72 -8.53
N LEU B 100 -16.73 -22.67 -9.46
CA LEU B 100 -17.97 -23.38 -9.72
C LEU B 100 -18.48 -24.06 -8.46
N LEU B 101 -17.55 -24.70 -7.76
CA LEU B 101 -17.91 -25.46 -6.58
C LEU B 101 -18.41 -24.54 -5.48
N ALA B 102 -17.99 -23.28 -5.49
CA ALA B 102 -18.41 -22.35 -4.44
C ALA B 102 -19.54 -21.43 -4.88
N ASP B 103 -20.21 -21.76 -5.99
CA ASP B 103 -21.33 -20.94 -6.42
C ASP B 103 -20.89 -19.51 -6.68
N VAL B 104 -19.72 -19.33 -7.26
CA VAL B 104 -19.23 -18.04 -7.71
C VAL B 104 -19.53 -17.83 -9.19
N GLN B 105 -20.19 -16.72 -9.54
CA GLN B 105 -20.43 -16.41 -10.94
C GLN B 105 -19.15 -15.91 -11.59
N VAL B 106 -19.06 -16.22 -12.87
CA VAL B 106 -17.89 -15.91 -13.66
C VAL B 106 -18.21 -15.09 -14.89
N ALA B 107 -17.63 -13.90 -15.00
CA ALA B 107 -17.72 -13.13 -16.24
C ALA B 107 -16.54 -13.49 -17.15
N VAL B 108 -16.87 -13.93 -18.35
CA VAL B 108 -15.85 -14.26 -19.34
C VAL B 108 -15.71 -13.13 -20.34
N SER B 109 -14.47 -12.89 -20.79
CA SER B 109 -14.26 -11.80 -21.75
C SER B 109 -13.59 -12.29 -23.03
N SER B 110 -13.62 -13.60 -23.26
CA SER B 110 -13.12 -14.15 -24.51
C SER B 110 -13.59 -15.58 -24.71
N LEU B 111 -13.48 -16.07 -25.94
CA LEU B 111 -13.84 -17.46 -26.20
C LEU B 111 -12.95 -18.40 -25.40
N ARG B 112 -11.65 -18.11 -25.36
CA ARG B 112 -10.72 -18.99 -24.66
C ARG B 112 -11.10 -19.17 -23.20
N GLN B 113 -11.47 -18.07 -22.54
CA GLN B 113 -12.00 -18.10 -21.18
C GLN B 113 -13.28 -18.92 -21.07
N LEU B 114 -14.18 -18.79 -22.03
CA LEU B 114 -15.35 -19.65 -21.95
C LEU B 114 -14.96 -21.11 -22.12
N ASP B 115 -14.03 -21.42 -23.03
CA ASP B 115 -13.64 -22.83 -23.21
C ASP B 115 -13.02 -23.39 -21.93
N GLU B 116 -12.20 -22.54 -21.28
CA GLU B 116 -11.64 -22.95 -20.00
C GLU B 116 -12.75 -23.21 -19.00
N LEU B 117 -13.72 -22.30 -18.96
CA LEU B 117 -14.85 -22.49 -18.05
C LEU B 117 -15.62 -23.76 -18.40
N LEU B 118 -15.87 -24.09 -19.65
CA LEU B 118 -16.60 -25.32 -20.01
C LEU B 118 -15.82 -26.57 -19.63
N HIS B 119 -14.50 -26.57 -19.80
CA HIS B 119 -13.70 -27.71 -19.29
C HIS B 119 -13.92 -27.91 -17.80
N ALA B 120 -13.86 -26.81 -17.04
CA ALA B 120 -14.13 -26.83 -15.61
C ALA B 120 -15.52 -27.34 -15.24
N VAL B 121 -16.51 -27.01 -16.05
CA VAL B 121 -17.88 -27.48 -15.85
C VAL B 121 -17.93 -29.00 -15.95
N ARG B 122 -17.29 -29.54 -17.00
CA ARG B 122 -17.30 -30.98 -17.19
C ARG B 122 -16.57 -31.69 -16.05
N ARG B 123 -15.46 -31.11 -15.59
CA ARG B 123 -14.69 -31.81 -14.55
C ARG B 123 -15.35 -31.69 -13.19
N THR B 124 -16.08 -30.61 -12.93
CA THR B 124 -16.72 -30.51 -11.63
C THR B 124 -18.15 -31.03 -11.63
N GLY B 125 -18.78 -31.14 -12.80
CA GLY B 125 -20.20 -31.50 -12.70
C GLY B 125 -21.06 -30.35 -12.20
N ARG B 126 -20.56 -29.12 -12.21
CA ARG B 126 -21.37 -27.97 -11.82
C ARG B 126 -21.59 -26.99 -12.96
N THR B 127 -22.84 -26.77 -13.35
CA THR B 127 -23.30 -25.74 -14.29
C THR B 127 -22.73 -24.37 -13.96
N ALA B 128 -22.24 -23.62 -14.95
CA ALA B 128 -21.66 -22.32 -14.67
C ALA B 128 -22.66 -21.18 -14.80
N THR B 129 -22.70 -20.24 -13.86
CA THR B 129 -23.62 -19.09 -13.99
C THR B 129 -22.80 -18.04 -14.70
N VAL B 130 -23.00 -17.90 -16.01
CA VAL B 130 -22.08 -16.96 -16.67
C VAL B 130 -22.62 -15.62 -17.08
N THR B 131 -21.70 -14.67 -17.10
CA THR B 131 -21.88 -13.31 -17.58
C THR B 131 -20.85 -13.06 -18.67
N VAL B 132 -21.18 -12.32 -19.72
CA VAL B 132 -20.20 -12.01 -20.77
C VAL B 132 -19.82 -10.54 -20.60
N LYS B 133 -18.53 -10.25 -20.60
CA LYS B 133 -18.02 -8.88 -20.52
C LYS B 133 -17.67 -8.41 -21.93
N VAL B 134 -18.40 -7.40 -22.40
CA VAL B 134 -18.18 -6.89 -23.76
C VAL B 134 -17.53 -5.52 -23.73
N ASP B 135 -16.77 -5.20 -24.77
CA ASP B 135 -16.11 -3.89 -24.88
C ASP B 135 -16.99 -2.86 -25.58
N THR B 136 -17.36 -1.82 -24.87
CA THR B 136 -18.17 -0.74 -25.43
C THR B 136 -17.34 0.55 -25.50
N GLY B 137 -16.04 0.45 -25.19
CA GLY B 137 -15.17 1.60 -25.34
C GLY B 137 -13.91 1.64 -24.52
N LEU B 138 -13.84 1.00 -23.36
CA LEU B 138 -12.64 1.02 -22.53
C LEU B 138 -11.43 0.42 -23.26
N ASN B 139 -11.69 -0.53 -24.16
CA ASN B 139 -10.64 -1.18 -24.91
C ASN B 139 -9.63 -1.90 -24.01
N ARG B 140 -10.12 -2.40 -22.87
CA ARG B 140 -9.26 -3.19 -21.99
C ARG B 140 -9.62 -4.67 -22.18
N ASN B 141 -10.30 -5.23 -21.19
CA ASN B 141 -10.72 -6.62 -21.30
C ASN B 141 -12.25 -6.69 -21.39
N GLY B 142 -12.72 -6.96 -22.60
CA GLY B 142 -14.12 -7.22 -22.90
C GLY B 142 -14.14 -7.78 -24.33
N VAL B 143 -15.11 -8.59 -24.69
CA VAL B 143 -15.19 -9.07 -26.07
C VAL B 143 -15.59 -7.89 -26.96
N GLY B 144 -15.06 -7.86 -28.16
CA GLY B 144 -15.40 -6.81 -29.13
C GLY B 144 -16.50 -7.26 -30.07
N PRO B 145 -17.16 -6.35 -30.78
CA PRO B 145 -18.34 -6.70 -31.57
C PRO B 145 -18.08 -7.79 -32.59
N ALA B 146 -16.91 -7.81 -33.20
CA ALA B 146 -16.66 -8.79 -34.24
C ALA B 146 -16.55 -10.20 -33.69
N GLN B 147 -16.09 -10.35 -32.46
CA GLN B 147 -15.93 -11.66 -31.85
C GLN B 147 -17.18 -12.08 -31.09
N PHE B 148 -18.09 -11.15 -30.82
CA PHE B 148 -19.29 -11.50 -30.06
C PHE B 148 -20.12 -12.59 -30.72
N PRO B 149 -20.41 -12.59 -32.01
CA PRO B 149 -21.13 -13.72 -32.63
C PRO B 149 -20.55 -15.10 -32.36
N ALA B 150 -19.26 -15.34 -32.49
CA ALA B 150 -18.74 -16.67 -32.18
C ALA B 150 -19.00 -17.04 -30.73
N MET B 151 -18.87 -16.04 -29.84
CA MET B 151 -19.12 -16.28 -28.43
C MET B 151 -20.57 -16.71 -28.16
N LEU B 152 -21.53 -16.01 -28.74
CA LEU B 152 -22.95 -16.27 -28.63
C LEU B 152 -23.26 -17.70 -29.07
N THR B 153 -22.63 -18.06 -30.20
CA THR B 153 -22.82 -19.42 -30.69
C THR B 153 -22.32 -20.43 -29.67
N ALA B 154 -21.08 -20.24 -29.20
CA ALA B 154 -20.60 -21.18 -28.18
C ALA B 154 -21.50 -21.13 -26.95
N LEU B 155 -22.11 -19.98 -26.64
CA LEU B 155 -22.88 -19.95 -25.39
C LEU B 155 -24.21 -20.68 -25.55
N ARG B 156 -24.79 -20.63 -26.74
CA ARG B 156 -26.05 -21.29 -27.06
C ARG B 156 -25.89 -22.81 -27.02
N GLN B 157 -24.84 -23.33 -27.65
CA GLN B 157 -24.65 -24.79 -27.58
C GLN B 157 -24.47 -25.30 -26.16
N ALA B 158 -23.70 -24.59 -25.34
CA ALA B 158 -23.47 -24.98 -23.96
C ALA B 158 -24.75 -24.90 -23.14
N MET B 159 -25.50 -23.83 -23.39
CA MET B 159 -26.78 -23.63 -22.69
C MET B 159 -27.73 -24.78 -23.01
N ALA B 160 -27.83 -25.08 -24.30
CA ALA B 160 -28.70 -26.17 -24.75
C ALA B 160 -28.35 -27.47 -24.05
N GLU B 161 -27.08 -27.63 -23.71
CA GLU B 161 -26.64 -28.90 -23.14
C GLU B 161 -26.44 -28.82 -21.62
N ASP B 162 -27.01 -27.78 -21.02
CA ASP B 162 -27.07 -27.46 -19.61
C ASP B 162 -25.72 -27.30 -18.93
N ALA B 163 -24.72 -26.90 -19.70
CA ALA B 163 -23.41 -26.61 -19.11
C ALA B 163 -23.37 -25.23 -18.48
N VAL B 164 -24.17 -24.29 -18.98
CA VAL B 164 -24.19 -22.95 -18.43
C VAL B 164 -25.58 -22.32 -18.30
N ARG B 165 -25.67 -21.42 -17.33
CA ARG B 165 -26.81 -20.58 -17.04
C ARG B 165 -26.43 -19.19 -17.58
N LEU B 166 -27.19 -18.63 -18.48
CA LEU B 166 -26.83 -17.37 -19.15
C LEU B 166 -27.34 -16.16 -18.37
N ARG B 167 -26.61 -15.76 -17.35
CA ARG B 167 -27.06 -14.76 -16.38
C ARG B 167 -26.89 -13.33 -16.86
N GLY B 168 -25.69 -12.91 -17.25
CA GLY B 168 -25.56 -11.51 -17.55
C GLY B 168 -24.77 -11.15 -18.80
N LEU B 169 -24.98 -9.91 -19.21
CA LEU B 169 -24.22 -9.13 -20.17
C LEU B 169 -23.71 -7.87 -19.48
N MET B 170 -22.39 -7.62 -19.51
CA MET B 170 -21.90 -6.47 -18.75
C MET B 170 -20.84 -5.71 -19.54
N SER B 171 -20.66 -4.43 -19.17
CA SER B 171 -19.61 -3.61 -19.78
C SER B 171 -19.26 -2.47 -18.83
N HIS B 172 -18.16 -1.76 -19.09
CA HIS B 172 -17.71 -0.75 -18.15
C HIS B 172 -17.49 0.60 -18.83
N MET B 173 -17.82 1.65 -18.10
CA MET B 173 -17.80 3.03 -18.55
C MET B 173 -16.35 3.55 -18.59
N VAL B 174 -16.09 4.33 -19.62
CA VAL B 174 -14.79 4.94 -19.84
C VAL B 174 -14.54 6.05 -18.83
N TYR B 175 -15.60 6.79 -18.53
CA TYR B 175 -15.47 7.79 -17.47
C TYR B 175 -16.00 7.27 -16.14
N ALA B 176 -15.23 7.56 -15.09
CA ALA B 176 -15.67 7.20 -13.75
C ALA B 176 -16.34 8.40 -13.10
N ASP B 177 -16.05 9.60 -13.65
CA ASP B 177 -16.52 10.82 -13.01
C ASP B 177 -16.98 11.93 -13.92
N LYS B 178 -17.37 11.72 -15.17
CA LYS B 178 -17.82 12.85 -15.99
C LYS B 178 -19.16 12.58 -16.69
N PRO B 179 -20.19 12.37 -15.89
CA PRO B 179 -21.48 11.86 -16.34
C PRO B 179 -22.06 12.52 -17.57
N ASP B 180 -21.62 13.71 -17.98
CA ASP B 180 -22.33 14.29 -19.13
C ASP B 180 -21.51 14.29 -20.40
N ASP B 181 -20.29 13.74 -20.34
CA ASP B 181 -19.54 13.56 -21.59
C ASP B 181 -20.32 12.62 -22.50
N SER B 182 -20.25 12.86 -23.81
CA SER B 182 -21.11 12.05 -24.68
C SER B 182 -20.61 10.61 -24.83
N ILE B 183 -19.38 10.32 -24.41
CA ILE B 183 -18.96 8.91 -24.55
C ILE B 183 -19.89 8.01 -23.74
N ASN B 184 -20.45 8.56 -22.66
CA ASN B 184 -21.36 7.79 -21.82
C ASN B 184 -22.53 7.27 -22.66
N ASP B 185 -23.11 8.22 -23.38
CA ASP B 185 -24.26 7.92 -24.24
C ASP B 185 -23.85 6.92 -25.31
N VAL B 186 -22.69 7.15 -25.93
CA VAL B 186 -22.18 6.26 -26.97
C VAL B 186 -21.98 4.83 -26.46
N GLN B 187 -21.41 4.66 -25.27
CA GLN B 187 -21.25 3.32 -24.71
C GLN B 187 -22.60 2.63 -24.51
N ALA B 188 -23.61 3.36 -24.05
CA ALA B 188 -24.93 2.79 -23.82
C ALA B 188 -25.57 2.34 -25.13
N GLN B 189 -25.35 3.08 -26.22
CA GLN B 189 -25.89 2.67 -27.51
C GLN B 189 -25.08 1.51 -28.06
N ARG B 190 -23.78 1.47 -27.79
CA ARG B 190 -23.02 0.29 -28.18
C ARG B 190 -23.52 -0.94 -27.44
N PHE B 191 -23.91 -0.74 -26.20
CA PHE B 191 -24.37 -1.85 -25.37
C PHE B 191 -25.67 -2.44 -25.91
N THR B 192 -26.57 -1.56 -26.31
CA THR B 192 -27.81 -1.97 -26.97
C THR B 192 -27.56 -2.77 -28.24
N ALA B 193 -26.58 -2.33 -29.03
CA ALA B 193 -26.19 -3.07 -30.23
C ALA B 193 -25.71 -4.47 -29.90
N PHE B 194 -24.95 -4.62 -28.81
CA PHE B 194 -24.57 -5.97 -28.38
C PHE B 194 -25.82 -6.77 -28.00
N LEU B 195 -26.76 -6.09 -27.35
CA LEU B 195 -28.01 -6.80 -27.04
C LEU B 195 -28.78 -7.23 -28.30
N ALA B 196 -28.64 -6.44 -29.36
CA ALA B 196 -29.23 -6.73 -30.66
C ALA B 196 -28.61 -7.97 -31.29
N GLN B 197 -27.28 -8.04 -31.20
CA GLN B 197 -26.55 -9.19 -31.75
C GLN B 197 -27.00 -10.47 -31.07
N ALA B 198 -27.16 -10.40 -29.75
CA ALA B 198 -27.55 -11.60 -29.01
C ALA B 198 -28.88 -12.13 -29.53
N ARG B 199 -29.82 -11.20 -29.69
CA ARG B 199 -31.17 -11.49 -30.16
C ARG B 199 -31.14 -12.23 -31.49
N GLU B 200 -30.32 -11.73 -32.42
CA GLU B 200 -30.18 -12.32 -33.75
C GLU B 200 -29.53 -13.69 -33.73
N GLN B 201 -28.94 -14.04 -32.59
CA GLN B 201 -28.30 -15.33 -32.42
C GLN B 201 -29.15 -16.22 -31.52
N GLY B 202 -30.39 -15.79 -31.29
CA GLY B 202 -31.33 -16.56 -30.51
C GLY B 202 -30.84 -16.81 -29.10
N VAL B 203 -30.17 -15.83 -28.50
CA VAL B 203 -29.66 -15.87 -27.14
C VAL B 203 -30.24 -14.74 -26.31
N ARG B 204 -30.65 -14.99 -25.06
CA ARG B 204 -31.03 -13.86 -24.22
C ARG B 204 -30.36 -13.97 -22.85
N PHE B 205 -30.01 -12.82 -22.28
CA PHE B 205 -29.38 -12.80 -20.96
C PHE B 205 -30.43 -12.37 -19.94
N GLU B 206 -30.39 -12.91 -18.72
CA GLU B 206 -31.34 -12.50 -17.69
C GLU B 206 -31.18 -11.03 -17.34
N VAL B 207 -29.95 -10.54 -17.23
CA VAL B 207 -29.78 -9.11 -16.92
C VAL B 207 -28.61 -8.52 -17.72
N ALA B 208 -28.69 -7.21 -17.93
CA ALA B 208 -27.65 -6.41 -18.57
C ALA B 208 -27.27 -5.22 -17.67
N HIS B 209 -25.97 -4.96 -17.54
CA HIS B 209 -25.53 -3.87 -16.68
C HIS B 209 -24.28 -3.17 -17.22
N LEU B 210 -24.29 -1.84 -17.08
CA LEU B 210 -23.17 -1.02 -17.56
C LEU B 210 -22.72 0.04 -16.57
N SER B 211 -23.55 0.35 -15.57
CA SER B 211 -23.29 1.41 -14.64
C SER B 211 -22.42 1.27 -13.41
N ASN B 212 -21.57 2.29 -13.30
CA ASN B 212 -20.71 2.45 -12.13
C ASN B 212 -21.38 3.47 -11.20
N SER B 213 -20.69 3.99 -10.19
CA SER B 213 -21.25 4.94 -9.25
C SER B 213 -21.72 6.23 -9.90
N SER B 214 -20.86 6.79 -10.73
CA SER B 214 -21.14 7.99 -11.50
C SER B 214 -22.38 7.85 -12.36
N ALA B 215 -22.40 6.80 -13.19
CA ALA B 215 -23.58 6.63 -14.05
C ALA B 215 -24.81 6.40 -13.21
N THR B 216 -24.62 5.65 -12.11
CA THR B 216 -25.78 5.33 -11.28
C THR B 216 -26.39 6.59 -10.69
N MET B 217 -25.54 7.50 -10.20
CA MET B 217 -26.08 8.64 -9.47
C MET B 217 -26.38 9.82 -10.39
N ALA B 218 -25.62 9.95 -11.47
CA ALA B 218 -25.81 11.10 -12.34
C ALA B 218 -26.36 10.74 -13.71
N ARG B 219 -26.30 9.49 -14.19
CA ARG B 219 -26.93 9.23 -15.49
C ARG B 219 -27.93 8.08 -15.36
N PRO B 220 -29.01 8.25 -14.61
CA PRO B 220 -30.01 7.20 -14.48
C PRO B 220 -30.77 6.96 -15.77
N ASP B 221 -30.64 7.91 -16.71
CA ASP B 221 -31.27 7.58 -17.98
C ASP B 221 -30.49 6.45 -18.65
N LEU B 222 -29.25 6.19 -18.23
CA LEU B 222 -28.47 5.19 -18.94
C LEU B 222 -28.45 3.86 -18.19
N THR B 223 -29.34 3.69 -17.23
CA THR B 223 -29.35 2.47 -16.43
C THR B 223 -30.03 1.30 -17.12
N PHE B 224 -29.47 0.09 -17.10
CA PHE B 224 -30.12 -1.11 -17.64
C PHE B 224 -30.73 -1.91 -16.50
N ASP B 225 -30.40 -3.18 -16.33
CA ASP B 225 -31.14 -4.00 -15.36
C ASP B 225 -30.55 -4.01 -13.97
N LEU B 226 -29.29 -3.63 -13.91
CA LEU B 226 -28.48 -3.75 -12.72
C LEU B 226 -27.51 -2.58 -12.65
N VAL B 227 -27.18 -2.08 -11.47
CA VAL B 227 -26.11 -1.09 -11.38
C VAL B 227 -24.96 -1.67 -10.56
N ARG B 228 -23.74 -1.19 -10.76
CA ARG B 228 -22.57 -1.72 -10.08
C ARG B 228 -21.78 -0.62 -9.35
N PRO B 229 -22.33 0.03 -8.33
CA PRO B 229 -21.58 1.07 -7.63
C PRO B 229 -20.46 0.54 -6.73
N GLY B 230 -19.31 1.19 -6.84
CA GLY B 230 -18.17 0.97 -5.98
C GLY B 230 -17.92 2.12 -5.02
N ILE B 231 -17.24 3.15 -5.52
CA ILE B 231 -16.78 4.30 -4.74
C ILE B 231 -17.88 4.92 -3.90
N ALA B 232 -19.10 5.01 -4.43
CA ALA B 232 -20.21 5.61 -3.70
C ALA B 232 -20.61 4.82 -2.47
N VAL B 233 -20.40 3.51 -2.50
CA VAL B 233 -20.77 2.72 -1.32
C VAL B 233 -19.93 3.22 -0.13
N TYR B 234 -18.68 3.57 -0.37
CA TYR B 234 -17.76 4.00 0.68
C TYR B 234 -17.92 5.46 1.05
N GLY B 235 -18.93 6.08 0.44
CA GLY B 235 -19.31 7.46 0.66
C GLY B 235 -18.45 8.46 -0.06
N LEU B 236 -17.65 8.04 -1.05
CA LEU B 236 -16.77 8.99 -1.71
C LEU B 236 -17.46 9.50 -2.97
N SER B 237 -17.36 10.79 -3.25
CA SER B 237 -18.13 11.36 -4.36
C SER B 237 -17.61 10.90 -5.72
N PRO B 238 -18.55 10.32 -6.48
CA PRO B 238 -18.32 9.91 -7.85
C PRO B 238 -18.18 11.09 -8.78
N VAL B 239 -18.72 12.26 -8.43
CA VAL B 239 -18.42 13.46 -9.21
C VAL B 239 -18.00 14.55 -8.22
N PRO B 240 -16.72 14.54 -7.85
CA PRO B 240 -16.23 15.42 -6.78
C PRO B 240 -16.65 16.87 -6.95
N ALA B 241 -16.75 17.36 -8.18
CA ALA B 241 -17.16 18.72 -8.46
C ALA B 241 -18.58 19.03 -8.01
N LEU B 242 -19.45 18.04 -7.85
CA LEU B 242 -20.81 18.31 -7.43
C LEU B 242 -20.95 18.30 -5.93
N GLY B 243 -19.85 18.00 -5.21
CA GLY B 243 -20.06 17.97 -3.75
C GLY B 243 -20.17 16.56 -3.24
N ASP B 244 -20.68 16.41 -2.02
CA ASP B 244 -20.67 15.09 -1.39
C ASP B 244 -21.80 14.21 -1.90
N MET B 245 -22.61 14.76 -2.80
CA MET B 245 -23.72 14.05 -3.44
C MET B 245 -24.59 13.28 -2.45
N GLY B 246 -24.70 13.77 -1.22
CA GLY B 246 -25.66 13.20 -0.29
C GLY B 246 -25.10 11.97 0.40
N LEU B 247 -23.84 11.67 0.11
CA LEU B 247 -23.16 10.51 0.67
C LEU B 247 -22.33 10.91 1.89
N VAL B 248 -21.88 9.94 2.66
CA VAL B 248 -21.04 10.17 3.84
C VAL B 248 -19.81 9.29 3.79
N PRO B 249 -18.62 9.82 3.54
CA PRO B 249 -17.41 8.96 3.52
C PRO B 249 -17.28 8.11 4.77
N ALA B 250 -17.12 6.80 4.56
CA ALA B 250 -17.11 5.88 5.70
C ALA B 250 -15.77 5.74 6.41
N MET B 251 -14.67 6.16 5.80
CA MET B 251 -13.36 5.90 6.42
C MET B 251 -12.76 7.15 7.08
N THR B 252 -12.36 6.93 8.32
CA THR B 252 -11.65 7.94 9.10
C THR B 252 -10.29 7.41 9.51
N VAL B 253 -9.23 8.11 9.13
CA VAL B 253 -7.89 7.64 9.51
C VAL B 253 -7.35 8.57 10.58
N LYS B 254 -6.81 8.01 11.66
CA LYS B 254 -6.34 8.88 12.72
C LYS B 254 -5.23 8.16 13.50
N CYS B 255 -4.50 8.91 14.30
CA CYS B 255 -3.49 8.28 15.14
C CYS B 255 -3.34 9.09 16.43
N ALA B 256 -2.53 8.60 17.37
CA ALA B 256 -2.37 9.42 18.58
C ALA B 256 -1.12 10.28 18.45
N VAL B 257 -1.08 11.41 19.15
CA VAL B 257 0.15 12.22 19.25
C VAL B 257 1.15 11.45 20.08
N ALA B 258 2.35 11.18 19.55
CA ALA B 258 3.30 10.35 20.28
C ALA B 258 4.19 11.19 21.17
N LEU B 259 4.31 12.46 20.80
CA LEU B 259 5.27 13.32 21.49
C LEU B 259 5.00 14.78 21.23
N VAL B 260 5.16 15.65 22.23
CA VAL B 260 5.05 17.09 21.98
C VAL B 260 6.42 17.73 22.20
N LYS B 261 6.75 18.70 21.34
CA LYS B 261 8.13 19.19 21.30
C LYS B 261 8.22 20.69 21.11
N SER B 262 8.90 21.35 22.05
CA SER B 262 9.02 22.81 22.02
C SER B 262 10.15 23.28 21.11
N ILE B 263 9.87 24.15 20.13
CA ILE B 263 10.94 24.60 19.25
C ILE B 263 11.13 26.12 19.30
N ARG B 279 9.67 31.13 14.18
CA ARG B 279 9.23 31.65 15.47
C ARG B 279 9.24 30.58 16.56
N ASP B 280 8.83 30.92 17.77
CA ASP B 280 8.70 29.96 18.86
C ASP B 280 7.42 29.15 18.74
N THR B 281 7.52 27.82 18.70
CA THR B 281 6.26 27.06 18.66
C THR B 281 6.43 25.65 19.20
N ASN B 282 5.35 24.89 19.11
CA ASN B 282 5.34 23.50 19.55
C ASN B 282 4.95 22.55 18.40
N LEU B 283 5.59 21.39 18.37
CA LEU B 283 5.33 20.35 17.39
C LEU B 283 4.76 19.06 17.98
N ALA B 284 3.89 18.39 17.20
CA ALA B 284 3.47 17.04 17.56
C ALA B 284 4.07 16.00 16.61
N LEU B 285 4.61 14.91 17.13
CA LEU B 285 5.09 13.76 16.37
C LEU B 285 3.92 12.77 16.23
N LEU B 286 3.61 12.38 15.00
CA LEU B 286 2.62 11.35 14.72
C LEU B 286 3.36 10.13 14.16
N PRO B 287 3.30 8.98 14.84
CA PRO B 287 4.18 7.86 14.53
C PRO B 287 3.69 6.91 13.46
N ILE B 288 3.33 7.46 12.31
CA ILE B 288 3.04 6.69 11.09
C ILE B 288 3.64 7.46 9.92
N GLY B 289 4.03 6.79 8.84
CA GLY B 289 4.63 7.52 7.73
C GLY B 289 4.30 6.88 6.39
N TYR B 290 5.17 7.10 5.42
CA TYR B 290 4.79 6.71 4.05
C TYR B 290 4.69 5.20 3.96
N ALA B 291 5.38 4.45 4.83
CA ALA B 291 5.25 2.98 4.77
C ALA B 291 3.89 2.54 5.30
N ASP B 292 3.20 3.46 5.96
CA ASP B 292 1.88 3.15 6.50
C ASP B 292 0.81 3.67 5.55
N GLY B 293 1.28 4.29 4.46
CA GLY B 293 0.32 4.78 3.49
C GLY B 293 0.16 6.28 3.51
N VAL B 294 0.94 7.00 4.32
CA VAL B 294 0.95 8.46 4.35
C VAL B 294 1.81 8.97 3.20
N PHE B 295 1.20 9.27 2.04
CA PHE B 295 1.93 9.60 0.81
C PHE B 295 3.06 10.59 1.11
N ARG B 296 4.29 10.26 0.72
CA ARG B 296 5.41 11.13 1.07
C ARG B 296 5.19 12.55 0.55
N SER B 297 4.60 12.69 -0.63
CA SER B 297 4.42 14.03 -1.22
C SER B 297 3.45 14.92 -0.46
N LEU B 298 2.79 14.43 0.59
CA LEU B 298 1.97 15.29 1.42
C LEU B 298 2.80 16.18 2.34
N GLY B 299 4.09 15.90 2.46
CA GLY B 299 4.89 16.56 3.49
C GLY B 299 4.88 18.07 3.35
N GLY B 300 4.59 18.82 4.41
CA GLY B 300 4.71 20.27 4.38
C GLY B 300 3.54 20.92 3.65
N ARG B 301 2.59 20.06 3.26
CA ARG B 301 1.38 20.41 2.54
C ARG B 301 0.14 19.97 3.28
N LEU B 302 0.16 18.83 3.97
CA LEU B 302 -1.10 18.42 4.62
C LEU B 302 -1.33 19.16 5.94
N GLU B 303 -2.51 19.01 6.49
CA GLU B 303 -2.94 19.46 7.81
C GLU B 303 -3.69 18.31 8.50
N VAL B 304 -3.56 18.21 9.82
CA VAL B 304 -4.30 17.24 10.61
C VAL B 304 -5.22 17.98 11.56
N LEU B 305 -6.23 17.33 12.10
CA LEU B 305 -7.10 17.99 13.08
C LEU B 305 -6.80 17.45 14.48
N ILE B 306 -6.50 18.37 15.39
CA ILE B 306 -6.16 17.98 16.76
C ILE B 306 -6.84 19.00 17.67
N ASN B 307 -7.65 18.51 18.58
CA ASN B 307 -8.48 19.33 19.45
C ASN B 307 -9.18 20.42 18.64
N GLY B 308 -9.81 20.03 17.56
CA GLY B 308 -10.61 20.93 16.76
C GLY B 308 -9.86 21.96 15.97
N ARG B 309 -8.53 21.94 15.96
CA ARG B 309 -7.80 22.91 15.17
C ARG B 309 -6.98 22.20 14.09
N ARG B 310 -6.87 22.85 12.94
CA ARG B 310 -5.99 22.43 11.87
C ARG B 310 -4.53 22.73 12.24
N CYS B 311 -3.70 21.72 12.08
CA CYS B 311 -2.28 21.70 12.35
C CYS B 311 -1.50 21.21 11.13
N PRO B 312 -0.75 22.15 10.55
CA PRO B 312 -0.02 21.90 9.32
C PRO B 312 1.19 21.01 9.55
N GLY B 313 1.43 20.13 8.57
CA GLY B 313 2.62 19.32 8.58
C GLY B 313 3.85 20.18 8.37
N VAL B 314 4.94 19.88 9.05
CA VAL B 314 6.20 20.58 8.81
C VAL B 314 7.27 19.56 8.51
N GLY B 315 8.17 19.84 7.58
CA GLY B 315 9.25 18.91 7.28
C GLY B 315 8.74 17.74 6.46
N ARG B 316 9.60 16.78 6.16
CA ARG B 316 9.30 15.65 5.30
C ARG B 316 8.54 14.57 6.04
N ILE B 317 7.73 13.84 5.27
CA ILE B 317 7.11 12.65 5.84
C ILE B 317 8.20 11.59 5.94
N CYS B 318 8.43 10.96 7.10
CA CYS B 318 9.45 9.92 7.15
C CYS B 318 8.81 8.55 6.97
N MET B 319 9.63 7.49 6.96
CA MET B 319 9.00 6.20 6.66
C MET B 319 7.95 5.80 7.69
N ASP B 320 8.14 6.17 8.96
CA ASP B 320 7.22 5.71 10.01
C ASP B 320 6.80 6.83 10.94
N GLN B 321 6.99 8.08 10.53
CA GLN B 321 6.58 9.21 11.37
C GLN B 321 6.56 10.55 10.65
N PHE B 322 5.84 11.54 11.14
CA PHE B 322 5.94 12.90 10.59
C PHE B 322 5.54 13.91 11.68
N MET B 323 5.85 15.18 11.48
CA MET B 323 5.60 16.22 12.45
C MET B 323 4.53 17.22 12.00
N VAL B 324 3.79 17.81 12.93
CA VAL B 324 2.86 18.90 12.63
C VAL B 324 3.06 20.03 13.65
N ASP B 325 2.78 21.25 13.23
CA ASP B 325 2.93 22.47 13.98
C ASP B 325 1.68 22.78 14.81
N LEU B 326 1.82 22.73 16.12
CA LEU B 326 0.71 23.05 17.02
C LEU B 326 0.58 24.54 17.26
N GLY B 327 1.60 25.32 16.94
CA GLY B 327 1.61 26.75 17.17
C GLY B 327 2.17 27.15 18.52
N PRO B 328 2.43 28.42 18.75
CA PRO B 328 3.05 28.79 20.04
C PRO B 328 2.00 28.98 21.12
N GLY B 329 2.46 29.11 22.36
CA GLY B 329 1.63 29.44 23.49
C GLY B 329 1.24 28.25 24.35
N PRO B 330 0.42 28.51 25.37
CA PRO B 330 -0.10 27.45 26.23
C PRO B 330 -0.66 26.29 25.42
N LEU B 331 -0.20 25.10 25.78
CA LEU B 331 -0.60 23.89 25.06
C LEU B 331 -2.03 23.47 25.40
N ASP B 332 -2.79 23.11 24.38
CA ASP B 332 -4.11 22.52 24.48
C ASP B 332 -4.08 21.04 24.06
N VAL B 333 -2.89 20.58 23.67
CA VAL B 333 -2.68 19.27 23.07
C VAL B 333 -1.78 18.43 23.96
N ALA B 334 -2.08 17.15 24.10
CA ALA B 334 -1.32 16.26 24.97
C ALA B 334 -0.99 14.95 24.28
N GLU B 335 0.14 14.36 24.63
CA GLU B 335 0.52 13.02 24.15
C GLU B 335 -0.62 12.06 24.41
N GLY B 336 -0.95 11.24 23.41
CA GLY B 336 -2.11 10.36 23.52
C GLY B 336 -3.37 10.96 22.94
N ASP B 337 -3.39 12.28 22.68
CA ASP B 337 -4.59 12.85 22.07
C ASP B 337 -4.78 12.32 20.65
N GLU B 338 -6.00 12.39 20.16
CA GLU B 338 -6.26 11.90 18.81
C GLU B 338 -5.92 12.93 17.75
N ALA B 339 -5.27 12.50 16.67
CA ALA B 339 -5.13 13.34 15.48
C ALA B 339 -5.87 12.70 14.31
N ILE B 340 -6.74 13.47 13.69
CA ILE B 340 -7.47 12.98 12.51
C ILE B 340 -6.76 13.39 11.22
N LEU B 341 -6.39 12.39 10.42
CA LEU B 341 -5.75 12.68 9.13
C LEU B 341 -6.81 12.92 8.06
N PHE B 342 -7.82 12.06 7.97
CA PHE B 342 -8.90 12.41 7.03
C PHE B 342 -10.16 11.66 7.45
N GLY B 343 -11.33 12.13 6.99
CA GLY B 343 -12.59 11.50 7.31
C GLY B 343 -13.71 12.14 6.50
N PRO B 344 -14.96 11.91 6.88
CA PRO B 344 -16.07 12.52 6.11
C PRO B 344 -16.02 14.04 6.21
N GLY B 345 -15.49 14.61 7.29
CA GLY B 345 -15.39 16.06 7.32
C GLY B 345 -16.35 16.73 8.28
N ILE B 346 -17.15 15.93 8.95
CA ILE B 346 -18.12 16.36 9.95
C ILE B 346 -17.49 17.22 11.04
N ARG B 347 -16.35 16.75 11.55
CA ARG B 347 -15.71 17.44 12.66
C ARG B 347 -14.77 18.53 12.16
N GLY B 348 -14.80 18.77 10.85
CA GLY B 348 -13.93 19.77 10.26
C GLY B 348 -12.57 19.20 9.91
N GLU B 349 -12.41 17.88 10.00
CA GLU B 349 -11.16 17.27 9.54
C GLU B 349 -11.03 17.27 8.04
N PRO B 350 -9.83 17.19 7.50
CA PRO B 350 -9.72 17.07 6.03
C PRO B 350 -10.42 15.83 5.50
N THR B 351 -10.65 15.82 4.20
CA THR B 351 -11.29 14.68 3.54
C THR B 351 -10.29 13.91 2.66
N ALA B 352 -10.60 12.68 2.27
CA ALA B 352 -9.82 11.91 1.29
C ALA B 352 -9.61 12.69 0.01
N GLN B 353 -10.65 13.44 -0.38
CA GLN B 353 -10.55 14.28 -1.57
C GLN B 353 -9.51 15.38 -1.40
N ASP B 354 -9.42 15.86 -0.16
CA ASP B 354 -8.43 16.89 0.15
C ASP B 354 -7.03 16.33 -0.07
N TRP B 355 -6.79 15.11 0.42
CA TRP B 355 -5.48 14.49 0.19
C TRP B 355 -5.24 14.31 -1.30
N ALA B 356 -6.32 13.90 -1.98
CA ALA B 356 -6.19 13.67 -3.41
C ALA B 356 -5.78 14.97 -4.12
N ASP B 357 -6.46 16.07 -3.76
CA ASP B 357 -6.10 17.37 -4.34
C ASP B 357 -4.63 17.67 -4.08
N LEU B 358 -4.15 17.47 -2.86
CA LEU B 358 -2.73 17.76 -2.58
C LEU B 358 -1.76 16.81 -3.27
N VAL B 359 -2.11 15.52 -3.37
CA VAL B 359 -1.15 14.59 -3.96
C VAL B 359 -1.17 14.62 -5.49
N GLY B 360 -2.28 15.07 -6.08
CA GLY B 360 -2.46 15.01 -7.52
C GLY B 360 -3.11 13.69 -7.90
N THR B 361 -3.97 13.15 -7.04
CA THR B 361 -4.55 11.84 -7.39
C THR B 361 -6.05 11.85 -7.17
N ILE B 362 -6.65 10.70 -6.91
CA ILE B 362 -8.10 10.58 -6.73
C ILE B 362 -8.38 9.91 -5.39
N HIS B 363 -9.56 10.03 -4.82
CA HIS B 363 -9.72 9.48 -3.45
C HIS B 363 -9.73 7.97 -3.47
N TYR B 364 -10.00 7.36 -4.64
CA TYR B 364 -9.86 5.92 -4.74
C TYR B 364 -8.47 5.45 -4.29
N GLU B 365 -7.42 6.10 -4.80
CA GLU B 365 -6.09 5.69 -4.38
C GLU B 365 -5.84 6.03 -2.91
N VAL B 366 -6.43 7.13 -2.43
CA VAL B 366 -6.25 7.52 -1.04
C VAL B 366 -6.78 6.46 -0.08
N VAL B 367 -8.02 5.99 -0.28
CA VAL B 367 -8.57 5.02 0.67
C VAL B 367 -7.94 3.64 0.50
N THR B 368 -7.29 3.32 -0.63
CA THR B 368 -6.63 2.02 -0.65
C THR B 368 -5.19 2.15 -0.18
N SER B 369 -4.83 3.32 0.37
CA SER B 369 -3.45 3.49 0.81
C SER B 369 -3.15 3.02 2.24
N PRO B 370 -3.93 3.29 3.27
CA PRO B 370 -3.59 2.89 4.64
C PRO B 370 -3.24 1.41 4.81
N ARG B 371 -2.14 1.16 5.51
CA ARG B 371 -1.59 -0.17 5.76
C ARG B 371 -0.59 -0.10 6.91
N GLY B 372 0.29 -1.10 6.99
CA GLY B 372 1.29 -1.18 8.05
C GLY B 372 0.63 -1.03 9.40
N ARG B 373 0.99 0.02 10.14
CA ARG B 373 0.49 0.13 11.51
C ARG B 373 -0.90 0.74 11.60
N ILE B 374 -1.45 1.20 10.48
CA ILE B 374 -2.80 1.74 10.58
C ILE B 374 -3.80 0.58 10.54
N THR B 375 -4.35 0.22 11.68
CA THR B 375 -5.20 -0.94 11.87
C THR B 375 -6.64 -0.64 11.47
N ARG B 376 -7.22 -1.54 10.67
CA ARG B 376 -8.61 -1.24 10.30
C ARG B 376 -9.61 -1.59 11.38
N THR B 377 -10.50 -0.65 11.71
CA THR B 377 -11.50 -0.94 12.76
C THR B 377 -12.89 -0.65 12.23
N TYR B 378 -13.89 -1.04 13.00
CA TYR B 378 -15.29 -0.83 12.65
C TYR B 378 -16.19 -0.31 13.75
N ARG B 379 -17.06 0.60 13.36
CA ARG B 379 -18.10 1.17 14.20
C ARG B 379 -19.39 0.50 13.68
N GLU B 380 -20.18 -0.12 14.54
CA GLU B 380 -21.39 -0.79 14.04
C GLU B 380 -22.40 0.22 13.55
N ALA B 381 -23.32 -0.14 12.64
CA ALA B 381 -24.17 0.95 12.14
C ALA B 381 -25.21 1.41 13.15
#